data_6XEO
#
_entry.id   6XEO
#
loop_
_entity.id
_entity.type
_entity.pdbx_description
1 polymer 'Transcription-repair-coupling factor'
2 polymer "DNA (5'-D(P*AP*GP*GP*AP*TP*AP*CP*TP*TP*AP*CP*AP*GP*CP*CP*AP*TP*C)-3')"
3 polymer "DNA (5'-D(P*GP*AP*TP*GP*GP*CP*TP*GP*TP*AP*AP*GP*TP*AP*TP*CP*CP*T)-3')"
#
loop_
_entity_poly.entity_id
_entity_poly.type
_entity_poly.pdbx_seq_one_letter_code
_entity_poly.pdbx_strand_id
1 'polypeptide(L)'
;HHHHHHSSGLEVLFQGPHMASMPEQYRYTLPVKAGEQRLLGELTGAACATLVAEIAERHAGPVVLIAPDMQNALRLHDEI
SQFTDQMVMNLADWETLPYDSFSPHQDIISSRLSTLYQLPTMQRGVLIVPVNTLMQRVCPHSFLHGHALVMKKGQRLSRD
ALRTQLDSAGYRHVDQVMEHGEYATRGALLDLFPMGSELPYRLDFFDDEIDSLRVFDVDSQRTLEEVEAINLLPAHEFPT
DKAAIELFRSQWRDTFEVKRDPEHIYQQVSKGTLPAGIEYWQPLFFSEPLPPLFSYFPANTLLVNTGDLETSAERFQADT
LARFENRGVDPMRPLLPPQSLWLRVDELFSELKNWPRVQLKTEHLPTKAANANLGFQKLPDLAVQAQQKAPLDALRKFLE
TFDGPVVFSVESEGRREALGELLARIKIAPQRIMRLDEASDRGRYLMIGAAEHGFVDTVRNLALICESDLLGERVARRRQ
DSRRTINPDTLIRNLAELHIGQPVVHLEHGVGRYAGMTTLEAGGITGEYLMLTYANDAKLYVPVSSLHLISRYAGGAEEN
APLHKLGGDAWSRARQKAAEKVRDVAAELLDIYAQRAAKEGFAFKHDREQYQLFCDSFPFETTPDQAQAINAVLSDMCQP
LAMDRLVCGDVGFGKTEVAMRAAFLAVDNHKQVAVLVPTTLLAQQHYDNFRDRFANWPVRIEMISRFRSAKEQTQILAEV
AEGKIDILIGTHKLLQSDVKFKDLGLLIVDEEHRFGVRHKERIKAMRANVDILTLTATPIPRTLNMAMSGMRDLSIIATP
PARRLAVKTFVREYDSMVVREAILREILRGGQVYYLYNDVENIQKAAERLAELVPEARIAIGHGQMRERELERVMNDFHH
QRFNVLVCTTIIETGIDIPTANTIIIERADHFGLAQLHQLRGRVGRSHHQAYAWLLTPHPKAMTTDAQKRLEAIASLEDL
GAGFALATHDLEIRGAGELLGEEQSGSMETIGFSLYMELLENAVDALKAGREPSLEDLTSQQTEVELRMPSLLPDDFIPD
VNTRLSFYKRIASAKTENELEEIKVELIDRFGLLPDPARTLLDIARLRQQAQKLGIRKLEGNEKGGVIEFAEKNHVNPAW
LIGLLQKQPQHYRLDGPTRLKFIQDLSERKTRIEWVRQFMRELEENAIA
;
A
2 'polydeoxyribonucleotide'
;(DA)(DT)(DA)(DG)(DG)(DA)(DT)(DA)(DC)(DT)(DT)(DA)(DC)(DA)(DG)(DC)(DC)(DA)(DT)(DC)
(DG)
;
B
3 'polydeoxyribonucleotide' (DG)(DA)(DT)(DG)(DG)(DC)(DT)(DG)(DT)(DA)(DA)(DG)(DT)(DA)(DT)(DC)(DC)(DT) C
#
# COMPACT_ATOMS: atom_id res chain seq x y z
N TYR A 26 18.49 10.98 39.46
CA TYR A 26 18.56 10.19 40.67
C TYR A 26 17.24 10.31 41.44
N ARG A 27 17.26 9.93 42.72
CA ARG A 27 16.11 9.86 43.62
C ARG A 27 15.21 8.68 43.30
N TYR A 28 15.60 7.79 42.38
CA TYR A 28 14.81 6.62 42.02
C TYR A 28 15.75 5.45 41.80
N THR A 29 15.31 4.27 42.22
CA THR A 29 16.15 3.08 42.25
C THR A 29 15.50 1.96 41.46
N LEU A 30 16.15 0.79 41.50
CA LEU A 30 15.79 -0.35 40.69
C LEU A 30 16.09 -1.62 41.48
N PRO A 31 15.55 -2.76 41.06
CA PRO A 31 15.86 -4.00 41.77
C PRO A 31 17.21 -4.56 41.38
N VAL A 32 17.82 -5.27 42.32
CA VAL A 32 19.20 -5.71 42.20
C VAL A 32 19.39 -7.19 42.52
N LYS A 33 18.42 -7.87 43.12
CA LYS A 33 18.42 -9.31 43.28
C LYS A 33 17.37 -9.91 42.37
N ALA A 34 17.20 -11.23 42.47
CA ALA A 34 16.23 -11.93 41.65
C ALA A 34 14.86 -11.90 42.30
N GLY A 35 13.83 -11.91 41.46
CA GLY A 35 12.46 -11.83 41.94
C GLY A 35 12.19 -10.61 42.78
N GLU A 36 12.92 -9.53 42.51
CA GLU A 36 12.79 -8.28 43.24
C GLU A 36 11.95 -7.32 42.40
N GLN A 37 10.70 -7.12 42.82
CA GLN A 37 9.74 -6.35 42.07
C GLN A 37 9.68 -4.92 42.61
N ARG A 38 10.67 -4.10 42.26
CA ARG A 38 10.66 -2.67 42.58
C ARG A 38 9.62 -2.08 41.64
N LEU A 39 8.37 -2.23 42.03
CA LEU A 39 7.26 -1.93 41.15
C LEU A 39 7.09 -0.43 41.03
N LEU A 40 6.32 -0.01 40.03
CA LEU A 40 6.31 1.37 39.57
C LEU A 40 4.90 1.84 39.26
N GLY A 41 4.59 3.09 39.65
CA GLY A 41 3.25 3.61 39.56
C GLY A 41 3.23 5.08 39.16
N GLU A 42 2.04 5.50 38.72
CA GLU A 42 1.73 6.86 38.30
C GLU A 42 2.45 7.20 37.01
N LEU A 43 2.63 6.20 36.19
CA LEU A 43 3.51 6.23 35.04
C LEU A 43 2.80 6.78 33.80
N THR A 44 3.46 6.64 32.65
CA THR A 44 3.20 7.42 31.46
C THR A 44 3.53 6.53 30.26
N GLY A 45 3.72 7.14 29.09
CA GLY A 45 3.95 6.39 27.87
C GLY A 45 5.42 6.25 27.55
N ALA A 46 5.88 6.95 26.51
CA ALA A 46 7.29 6.93 26.18
C ALA A 46 8.13 7.67 27.20
N ALA A 47 7.49 8.47 28.07
CA ALA A 47 8.22 9.10 29.17
C ALA A 47 8.94 8.06 30.01
N CYS A 48 8.20 7.11 30.58
CA CYS A 48 8.84 6.07 31.36
C CYS A 48 9.68 5.15 30.49
N ALA A 49 9.41 5.09 29.19
CA ALA A 49 10.22 4.27 28.31
C ALA A 49 11.63 4.83 28.20
N THR A 50 11.74 6.11 27.89
CA THR A 50 13.04 6.75 27.86
C THR A 50 13.64 6.82 29.26
N LEU A 51 12.79 6.83 30.30
CA LEU A 51 13.30 6.71 31.66
C LEU A 51 14.06 5.42 31.84
N VAL A 52 13.46 4.31 31.44
CA VAL A 52 14.15 3.05 31.63
C VAL A 52 15.29 2.92 30.64
N ALA A 53 15.28 3.70 29.57
CA ALA A 53 16.49 3.84 28.78
C ALA A 53 17.61 4.44 29.63
N GLU A 54 17.27 5.48 30.37
CA GLU A 54 18.24 6.05 31.29
C GLU A 54 18.69 5.01 32.30
N ILE A 55 17.76 4.19 32.75
CA ILE A 55 18.15 3.18 33.72
C ILE A 55 18.93 2.08 33.03
N ALA A 56 18.80 1.97 31.71
CA ALA A 56 19.77 1.20 30.96
C ALA A 56 21.15 1.81 31.14
N GLU A 57 21.23 3.14 31.17
CA GLU A 57 22.52 3.74 31.52
C GLU A 57 22.85 3.44 32.98
N ARG A 58 21.84 3.37 33.85
CA ARG A 58 22.03 3.04 35.26
C ARG A 58 21.87 1.54 35.51
N HIS A 59 22.55 0.73 34.72
CA HIS A 59 22.42 -0.71 34.79
C HIS A 59 23.71 -1.33 34.29
N ALA A 60 24.00 -2.53 34.75
CA ALA A 60 25.22 -3.24 34.41
C ALA A 60 25.41 -3.40 32.90
N GLY A 61 24.54 -4.20 32.27
CA GLY A 61 24.72 -4.61 30.89
C GLY A 61 23.50 -4.36 30.04
N PRO A 62 22.92 -5.40 29.42
CA PRO A 62 21.65 -5.22 28.71
C PRO A 62 20.45 -5.66 29.54
N VAL A 63 19.25 -5.37 29.03
CA VAL A 63 17.99 -5.71 29.66
C VAL A 63 17.03 -6.07 28.53
N VAL A 64 15.82 -6.50 28.91
CA VAL A 64 14.72 -6.72 27.96
C VAL A 64 13.45 -6.21 28.62
N LEU A 65 12.35 -6.35 27.89
CA LEU A 65 11.04 -6.04 28.44
C LEU A 65 9.96 -6.88 27.80
N ILE A 66 8.81 -6.88 28.47
CA ILE A 66 7.55 -7.30 27.88
C ILE A 66 7.23 -6.49 26.63
N ALA A 67 6.40 -7.06 25.79
CA ALA A 67 5.49 -6.27 24.96
C ALA A 67 4.12 -6.93 25.09
N PRO A 68 3.08 -6.20 25.52
CA PRO A 68 1.74 -6.81 25.45
C PRO A 68 1.35 -7.21 24.04
N ASP A 69 1.91 -6.55 23.03
CA ASP A 69 1.60 -6.86 21.65
C ASP A 69 2.73 -6.35 20.78
N MET A 70 2.60 -6.60 19.48
CA MET A 70 3.62 -6.19 18.52
C MET A 70 3.63 -4.68 18.35
N GLN A 71 2.50 -4.14 17.90
CA GLN A 71 2.41 -2.73 17.48
C GLN A 71 2.91 -1.77 18.54
N ASN A 72 2.70 -2.13 19.81
CA ASN A 72 3.10 -1.26 20.91
C ASN A 72 4.59 -1.00 20.86
N ALA A 73 5.39 -2.05 21.02
CA ALA A 73 6.83 -1.90 20.94
C ALA A 73 7.26 -1.49 19.55
N LEU A 74 6.46 -1.84 18.54
CA LEU A 74 6.80 -1.49 17.17
C LEU A 74 6.94 0.01 17.02
N ARG A 75 5.99 0.75 17.56
CA ARG A 75 6.13 2.19 17.68
C ARG A 75 7.25 2.54 18.64
N LEU A 76 7.29 1.84 19.75
CA LEU A 76 8.05 2.31 20.88
C LEU A 76 9.54 2.29 20.60
N HIS A 77 9.97 1.44 19.66
CA HIS A 77 11.38 1.42 19.24
C HIS A 77 11.84 2.81 18.91
N ASP A 78 11.23 3.41 17.89
CA ASP A 78 11.61 4.75 17.50
C ASP A 78 11.27 5.76 18.58
N GLU A 79 10.21 5.49 19.36
CA GLU A 79 9.83 6.44 20.40
C GLU A 79 10.98 6.70 21.38
N ILE A 80 11.66 5.64 21.83
CA ILE A 80 12.79 5.85 22.73
C ILE A 80 14.05 6.14 21.92
N SER A 81 14.13 5.65 20.68
CA SER A 81 15.30 5.91 19.86
C SER A 81 15.51 7.40 19.67
N GLN A 82 14.41 8.16 19.71
CA GLN A 82 14.52 9.61 19.78
C GLN A 82 15.42 10.03 20.94
N PHE A 83 15.02 9.68 22.16
CA PHE A 83 15.73 10.10 23.37
C PHE A 83 16.56 8.96 23.94
N THR A 84 17.57 8.53 23.19
CA THR A 84 18.50 7.55 23.73
C THR A 84 19.74 7.47 22.84
N ASP A 85 20.90 7.51 23.47
CA ASP A 85 22.16 7.31 22.77
C ASP A 85 22.32 5.86 22.34
N GLN A 86 21.95 4.93 23.20
CA GLN A 86 22.23 3.52 23.00
C GLN A 86 21.24 2.94 22.01
N MET A 87 21.23 1.62 21.92
CA MET A 87 20.56 0.87 20.88
C MET A 87 19.53 -0.06 21.48
N VAL A 88 18.52 -0.39 20.67
CA VAL A 88 17.62 -1.48 20.96
C VAL A 88 16.89 -1.85 19.69
N MET A 89 16.61 -3.15 19.55
CA MET A 89 15.81 -3.68 18.46
C MET A 89 14.89 -4.72 19.07
N ASN A 90 14.23 -5.51 18.22
CA ASN A 90 13.37 -6.57 18.71
C ASN A 90 13.30 -7.65 17.66
N LEU A 91 12.80 -8.82 18.07
CA LEU A 91 12.62 -9.89 17.12
C LEU A 91 11.58 -9.51 16.08
N ALA A 92 11.41 -10.39 15.11
CA ALA A 92 10.21 -10.41 14.30
C ALA A 92 9.30 -11.54 14.79
N ASP A 93 8.03 -11.23 14.91
CA ASP A 93 7.08 -12.24 15.33
C ASP A 93 6.88 -13.22 14.19
N TRP A 94 6.42 -14.41 14.53
CA TRP A 94 6.20 -15.43 13.51
C TRP A 94 5.21 -14.95 12.46
N GLU A 95 4.20 -14.20 12.89
CA GLU A 95 3.11 -13.65 12.07
C GLU A 95 2.12 -14.71 11.61
N THR A 96 2.38 -15.99 11.89
CA THR A 96 1.43 -17.07 11.75
C THR A 96 0.63 -17.15 13.05
N LEU A 97 -0.07 -18.26 13.25
CA LEU A 97 -0.92 -18.41 14.42
C LEU A 97 -0.97 -19.86 14.85
N PRO A 98 -1.24 -20.12 16.12
CA PRO A 98 -1.03 -21.47 16.66
C PRO A 98 -2.06 -22.45 16.15
N TYR A 99 -1.60 -23.36 15.31
CA TYR A 99 -2.45 -24.29 14.55
C TYR A 99 -3.20 -23.54 13.45
N ASP A 100 -2.51 -22.64 12.77
CA ASP A 100 -2.97 -22.12 11.50
C ASP A 100 -2.44 -23.03 10.39
N SER A 101 -2.52 -22.54 9.15
CA SER A 101 -1.80 -23.14 8.04
C SER A 101 -0.87 -22.15 7.35
N PHE A 102 -1.11 -20.86 7.46
CA PHE A 102 -0.20 -19.86 6.91
C PHE A 102 1.16 -20.01 7.59
N SER A 103 2.21 -19.83 6.80
CA SER A 103 3.58 -20.11 7.21
C SER A 103 4.40 -18.83 7.33
N PRO A 104 5.49 -18.85 8.12
CA PRO A 104 6.26 -17.61 8.32
C PRO A 104 7.26 -17.36 7.17
N HIS A 105 7.93 -16.22 7.26
CA HIS A 105 8.79 -15.69 6.22
C HIS A 105 10.26 -15.90 6.56
N GLN A 106 11.08 -15.91 5.51
CA GLN A 106 12.53 -15.97 5.66
C GLN A 106 13.09 -14.72 6.32
N ASP A 107 12.44 -13.58 6.09
CA ASP A 107 13.03 -12.33 6.53
C ASP A 107 12.83 -12.13 8.01
N ILE A 108 11.65 -12.48 8.51
CA ILE A 108 11.39 -12.37 9.93
C ILE A 108 12.33 -13.28 10.70
N ILE A 109 12.59 -14.47 10.16
CA ILE A 109 13.42 -15.40 10.90
C ILE A 109 14.87 -14.97 10.83
N SER A 110 15.28 -14.35 9.72
CA SER A 110 16.62 -13.77 9.67
C SER A 110 16.75 -12.69 10.73
N SER A 111 15.70 -11.90 10.91
CA SER A 111 15.73 -10.90 11.97
C SER A 111 15.81 -11.57 13.33
N ARG A 112 15.13 -12.69 13.49
CA ARG A 112 15.06 -13.33 14.79
C ARG A 112 16.41 -13.88 15.20
N LEU A 113 17.04 -14.62 14.30
CA LEU A 113 18.41 -15.07 14.54
C LEU A 113 19.32 -13.89 14.81
N SER A 114 19.23 -12.84 13.99
CA SER A 114 20.09 -11.69 14.17
C SER A 114 19.89 -11.07 15.55
N THR A 115 18.68 -11.19 16.07
CA THR A 115 18.37 -10.63 17.38
C THR A 115 18.91 -11.52 18.49
N LEU A 116 18.95 -12.83 18.26
CA LEU A 116 19.25 -13.72 19.38
C LEU A 116 20.73 -14.02 19.49
N TYR A 117 21.40 -14.38 18.40
CA TYR A 117 22.78 -14.80 18.57
C TYR A 117 23.73 -13.64 18.80
N GLN A 118 23.21 -12.43 18.94
CA GLN A 118 23.94 -11.29 19.47
C GLN A 118 23.83 -11.17 20.98
N LEU A 119 22.93 -11.94 21.60
CA LEU A 119 22.93 -12.13 23.05
C LEU A 119 24.32 -12.48 23.56
N PRO A 120 24.92 -13.62 23.15
CA PRO A 120 26.21 -13.99 23.71
C PRO A 120 27.31 -13.01 23.34
N THR A 121 27.03 -12.09 22.42
CA THR A 121 27.95 -11.07 21.97
C THR A 121 27.72 -9.75 22.67
N MET A 122 26.47 -9.45 23.04
CA MET A 122 26.13 -8.15 23.58
C MET A 122 26.72 -7.95 24.97
N GLN A 123 26.96 -6.69 25.31
CA GLN A 123 27.24 -6.25 26.67
C GLN A 123 26.34 -5.10 27.10
N ARG A 124 26.01 -4.20 26.19
CA ARG A 124 25.07 -3.12 26.46
C ARG A 124 24.15 -2.98 25.25
N GLY A 125 23.21 -2.06 25.37
CA GLY A 125 22.10 -2.03 24.45
C GLY A 125 21.03 -2.91 25.02
N VAL A 126 19.90 -3.01 24.33
CA VAL A 126 18.73 -3.69 24.86
C VAL A 126 18.06 -4.39 23.69
N LEU A 127 17.22 -5.36 24.01
CA LEU A 127 16.30 -5.94 23.05
C LEU A 127 14.94 -6.00 23.72
N ILE A 128 13.96 -6.52 23.00
CA ILE A 128 12.56 -6.48 23.40
C ILE A 128 11.95 -7.79 22.94
N VAL A 129 10.68 -8.01 23.30
CA VAL A 129 9.90 -9.14 22.81
C VAL A 129 8.47 -8.96 23.32
N PRO A 130 7.44 -9.53 22.66
CA PRO A 130 6.12 -9.56 23.28
C PRO A 130 5.85 -10.79 24.12
N VAL A 131 4.71 -10.71 24.81
CA VAL A 131 4.22 -11.79 25.67
C VAL A 131 4.07 -13.10 24.90
N ASN A 132 3.91 -13.02 23.58
CA ASN A 132 3.53 -14.19 22.81
C ASN A 132 4.73 -15.02 22.37
N THR A 133 5.64 -14.45 21.58
CA THR A 133 6.75 -15.21 21.04
C THR A 133 7.70 -15.73 22.11
N LEU A 134 7.61 -15.21 23.33
CA LEU A 134 8.41 -15.79 24.41
C LEU A 134 7.87 -17.15 24.83
N MET A 135 6.54 -17.31 24.83
CA MET A 135 5.97 -18.61 25.14
C MET A 135 6.39 -19.64 24.10
N GLN A 136 6.58 -19.19 22.86
CA GLN A 136 7.14 -20.05 21.85
C GLN A 136 8.51 -20.54 22.30
N ARG A 137 8.75 -21.83 22.13
CA ARG A 137 9.96 -22.45 22.65
C ARG A 137 11.06 -22.43 21.61
N VAL A 138 12.30 -22.34 22.09
CA VAL A 138 13.39 -21.85 21.25
C VAL A 138 13.76 -22.94 20.24
N CYS A 139 14.16 -22.50 19.06
CA CYS A 139 14.99 -23.32 18.18
C CYS A 139 16.42 -22.91 18.52
N PRO A 140 17.07 -23.59 19.45
CA PRO A 140 18.10 -22.91 20.24
C PRO A 140 19.44 -22.80 19.54
N HIS A 141 20.43 -22.36 20.31
CA HIS A 141 21.79 -22.25 19.82
C HIS A 141 22.34 -23.56 19.28
N SER A 142 21.69 -24.69 19.53
CA SER A 142 21.88 -25.87 18.69
C SER A 142 22.02 -25.47 17.23
N PHE A 143 21.12 -24.63 16.76
CA PHE A 143 21.32 -23.91 15.53
C PHE A 143 22.68 -23.22 15.52
N LEU A 144 22.91 -22.30 16.46
CA LEU A 144 24.17 -21.55 16.52
C LEU A 144 25.35 -22.49 16.63
N HIS A 145 25.37 -23.27 17.71
CA HIS A 145 26.30 -24.37 17.89
C HIS A 145 26.40 -25.27 16.66
N GLY A 146 25.34 -25.31 15.84
CA GLY A 146 25.48 -25.69 14.45
C GLY A 146 26.08 -24.55 13.64
N HIS A 147 27.29 -24.12 13.99
CA HIS A 147 28.01 -23.13 13.21
C HIS A 147 28.23 -23.71 11.80
N ALA A 148 28.61 -22.87 10.83
CA ALA A 148 29.53 -21.74 10.91
C ALA A 148 28.95 -20.42 11.40
N LEU A 149 29.76 -19.38 11.25
CA LEU A 149 29.46 -18.04 11.71
C LEU A 149 30.30 -17.09 10.87
N VAL A 150 30.47 -15.85 11.35
CA VAL A 150 31.05 -14.81 10.50
C VAL A 150 32.49 -15.13 10.17
N MET A 151 32.87 -14.85 8.92
CA MET A 151 34.19 -15.18 8.39
C MET A 151 34.59 -14.11 7.39
N LYS A 152 35.72 -14.34 6.71
CA LYS A 152 36.22 -13.43 5.68
C LYS A 152 36.88 -14.26 4.58
N LYS A 153 37.54 -13.55 3.67
CA LYS A 153 38.34 -14.18 2.63
C LYS A 153 39.73 -14.55 3.10
N GLY A 154 40.14 -14.10 4.27
CA GLY A 154 41.51 -14.32 4.68
C GLY A 154 41.78 -15.75 5.09
N GLN A 155 41.72 -16.67 4.12
CA GLN A 155 42.04 -18.05 4.38
C GLN A 155 42.29 -18.77 3.06
N ARG A 156 43.12 -19.82 3.13
CA ARG A 156 43.31 -20.72 2.00
C ARG A 156 42.06 -21.60 1.93
N LEU A 157 41.05 -21.06 1.30
CA LEU A 157 39.67 -21.48 1.50
C LEU A 157 39.07 -22.05 0.22
N SER A 158 38.33 -23.15 0.38
CA SER A 158 37.67 -23.83 -0.72
C SER A 158 36.19 -23.52 -0.71
N ARG A 159 35.59 -23.55 -1.88
CA ARG A 159 34.18 -23.23 -2.05
C ARG A 159 33.32 -24.46 -2.26
N ASP A 160 33.88 -25.52 -2.82
CA ASP A 160 33.24 -26.82 -2.72
C ASP A 160 33.00 -27.19 -1.26
N ALA A 161 34.02 -26.97 -0.42
CA ALA A 161 33.88 -27.18 1.00
C ALA A 161 32.78 -26.30 1.56
N LEU A 162 32.72 -25.06 1.09
CA LEU A 162 31.74 -24.14 1.60
C LEU A 162 30.35 -24.63 1.29
N ARG A 163 30.08 -24.91 0.03
CA ARG A 163 28.76 -25.37 -0.36
C ARG A 163 28.40 -26.67 0.34
N THR A 164 29.40 -27.47 0.69
CA THR A 164 29.11 -28.63 1.52
C THR A 164 28.61 -28.19 2.88
N GLN A 165 29.24 -27.15 3.44
CA GLN A 165 28.74 -26.59 4.69
C GLN A 165 27.41 -25.90 4.50
N LEU A 166 27.03 -25.60 3.26
CA LEU A 166 25.76 -24.94 3.01
C LEU A 166 24.62 -25.93 2.90
N ASP A 167 24.91 -27.11 2.38
CA ASP A 167 23.90 -28.17 2.45
C ASP A 167 23.85 -28.74 3.84
N SER A 168 24.96 -28.66 4.56
CA SER A 168 24.88 -28.79 6.01
C SER A 168 23.97 -27.71 6.57
N ALA A 169 24.08 -26.50 6.02
CA ALA A 169 23.21 -25.39 6.33
C ALA A 169 21.85 -25.50 5.63
N GLY A 170 21.82 -26.13 4.47
CA GLY A 170 20.61 -26.18 3.67
C GLY A 170 20.45 -25.03 2.69
N TYR A 171 21.47 -24.78 1.88
CA TYR A 171 21.29 -24.10 0.61
C TYR A 171 21.51 -25.11 -0.51
N ARG A 172 21.28 -24.67 -1.75
CA ARG A 172 21.19 -25.57 -2.89
C ARG A 172 21.60 -24.84 -4.17
N HIS A 173 21.59 -25.56 -5.29
CA HIS A 173 22.01 -25.01 -6.58
C HIS A 173 20.84 -24.47 -7.37
N VAL A 174 21.12 -23.40 -8.13
CA VAL A 174 20.23 -22.92 -9.18
C VAL A 174 21.07 -22.29 -10.28
N ASP A 175 20.42 -21.84 -11.35
CA ASP A 175 21.03 -20.93 -12.30
C ASP A 175 20.87 -19.48 -11.88
N GLN A 176 19.89 -19.18 -11.04
CA GLN A 176 19.68 -17.84 -10.53
C GLN A 176 18.85 -17.98 -9.26
N VAL A 177 19.18 -17.14 -8.28
CA VAL A 177 18.60 -17.20 -6.95
C VAL A 177 18.08 -15.83 -6.57
N MET A 178 17.07 -15.83 -5.70
CA MET A 178 16.44 -14.63 -5.16
C MET A 178 16.26 -14.66 -3.66
N GLU A 179 16.26 -15.83 -3.04
CA GLU A 179 15.97 -15.99 -1.63
C GLU A 179 17.02 -16.91 -1.02
N HIS A 180 16.87 -17.21 0.25
CA HIS A 180 17.77 -18.10 0.95
C HIS A 180 17.40 -19.55 0.66
N GLY A 181 18.42 -20.40 0.55
CA GLY A 181 18.21 -21.82 0.32
C GLY A 181 18.73 -22.30 -1.01
N GLU A 182 19.28 -21.40 -1.82
CA GLU A 182 19.80 -21.76 -3.14
C GLU A 182 21.06 -20.96 -3.42
N TYR A 183 21.62 -21.18 -4.60
CA TYR A 183 22.74 -20.38 -5.10
C TYR A 183 23.02 -20.80 -6.53
N ALA A 184 23.82 -20.01 -7.22
CA ALA A 184 24.09 -20.27 -8.63
C ALA A 184 25.54 -19.95 -8.97
N THR A 185 26.12 -20.82 -9.79
CA THR A 185 27.47 -20.64 -10.30
C THR A 185 27.43 -20.02 -11.69
N ARG A 186 28.51 -19.33 -12.01
CA ARG A 186 28.86 -18.93 -13.35
C ARG A 186 30.33 -19.25 -13.51
N GLY A 187 30.67 -19.98 -14.57
CA GLY A 187 31.99 -20.58 -14.65
C GLY A 187 32.17 -21.53 -13.47
N ALA A 188 32.94 -21.09 -12.49
CA ALA A 188 33.03 -21.77 -11.21
C ALA A 188 32.76 -20.85 -10.04
N LEU A 189 32.71 -19.54 -10.26
CA LEU A 189 32.37 -18.62 -9.19
C LEU A 189 30.89 -18.72 -8.89
N LEU A 190 30.55 -18.80 -7.62
CA LEU A 190 29.20 -19.08 -7.19
C LEU A 190 28.74 -18.05 -6.18
N ASP A 191 27.46 -17.71 -6.25
CA ASP A 191 26.89 -16.62 -5.46
C ASP A 191 25.55 -17.01 -4.85
N LEU A 192 25.19 -16.27 -3.79
CA LEU A 192 24.16 -16.68 -2.83
C LEU A 192 23.44 -15.44 -2.29
N PHE A 193 22.55 -15.67 -1.33
CA PHE A 193 21.85 -14.62 -0.59
C PHE A 193 22.13 -14.79 0.89
N PRO A 194 22.70 -13.82 1.58
CA PRO A 194 22.85 -13.95 3.04
C PRO A 194 21.55 -13.73 3.79
N MET A 195 21.55 -14.21 5.03
CA MET A 195 20.38 -14.17 5.90
C MET A 195 20.41 -12.95 6.82
N GLY A 196 21.41 -12.89 7.69
CA GLY A 196 21.49 -11.82 8.66
C GLY A 196 21.58 -10.44 8.03
N SER A 197 22.00 -10.37 6.77
CA SER A 197 21.96 -9.15 5.99
C SER A 197 20.97 -9.33 4.84
N GLU A 198 20.01 -8.40 4.75
CA GLU A 198 19.05 -8.38 3.66
C GLU A 198 19.70 -8.29 2.28
N LEU A 199 20.93 -7.88 2.19
CA LEU A 199 21.57 -7.71 0.90
C LEU A 199 21.71 -9.05 0.19
N PRO A 200 21.74 -9.06 -1.13
CA PRO A 200 22.37 -10.15 -1.86
C PRO A 200 23.87 -9.89 -2.01
N TYR A 201 24.62 -10.98 -2.19
CA TYR A 201 26.08 -10.89 -2.27
C TYR A 201 26.62 -11.62 -3.50
N ARG A 202 27.63 -11.03 -4.12
CA ARG A 202 28.49 -11.69 -5.10
C ARG A 202 29.87 -11.91 -4.49
N LEU A 203 30.45 -13.04 -4.81
CA LEU A 203 31.31 -13.75 -3.88
C LEU A 203 32.78 -13.80 -4.27
N ASP A 204 33.12 -13.56 -5.54
CA ASP A 204 34.48 -13.12 -5.91
C ASP A 204 35.54 -14.22 -5.79
N PHE A 205 35.20 -15.42 -6.26
CA PHE A 205 36.18 -16.50 -6.34
C PHE A 205 37.35 -16.17 -7.25
N PHE A 206 38.56 -16.56 -6.80
CA PHE A 206 39.78 -16.59 -7.63
C PHE A 206 40.69 -17.68 -7.07
N ASP A 207 40.51 -18.91 -7.56
CA ASP A 207 41.45 -20.03 -7.45
C ASP A 207 42.18 -20.15 -6.11
N ASP A 208 41.52 -19.74 -5.04
CA ASP A 208 42.06 -19.53 -3.70
C ASP A 208 42.89 -18.25 -3.61
N GLU A 209 43.18 -17.57 -4.72
CA GLU A 209 43.81 -16.25 -4.70
C GLU A 209 42.75 -15.15 -4.75
N ILE A 210 41.76 -15.26 -3.87
CA ILE A 210 40.67 -14.30 -3.82
C ILE A 210 41.18 -12.97 -3.27
N ASP A 211 40.64 -11.88 -3.79
CA ASP A 211 41.08 -10.52 -3.44
C ASP A 211 39.97 -9.69 -2.82
N SER A 212 38.76 -9.77 -3.35
CA SER A 212 37.64 -8.92 -2.96
C SER A 212 36.43 -9.78 -2.62
N LEU A 213 35.33 -9.09 -2.30
CA LEU A 213 34.06 -9.67 -1.90
C LEU A 213 33.03 -8.55 -1.94
N ARG A 214 31.91 -8.72 -2.62
CA ARG A 214 31.11 -7.55 -2.96
C ARG A 214 29.63 -7.78 -2.75
N VAL A 215 28.95 -6.72 -2.31
CA VAL A 215 27.50 -6.76 -2.20
C VAL A 215 26.90 -6.51 -3.57
N PHE A 216 25.75 -7.11 -3.80
CA PHE A 216 25.16 -7.11 -5.12
C PHE A 216 23.66 -7.05 -4.94
N ASP A 217 22.99 -6.45 -5.91
CA ASP A 217 21.55 -6.52 -6.01
C ASP A 217 21.19 -6.99 -7.40
N VAL A 218 20.14 -7.79 -7.46
CA VAL A 218 19.87 -8.61 -8.63
C VAL A 218 18.82 -7.99 -9.54
N ASP A 219 17.88 -7.23 -9.01
CA ASP A 219 17.19 -6.28 -9.86
C ASP A 219 18.12 -5.14 -10.27
N SER A 220 19.24 -4.98 -9.58
CA SER A 220 20.29 -4.07 -10.04
C SER A 220 21.19 -4.72 -11.07
N GLN A 221 21.50 -6.00 -10.86
CA GLN A 221 22.48 -6.70 -11.69
C GLN A 221 23.83 -5.99 -11.60
N ARG A 222 24.15 -5.49 -10.41
CA ARG A 222 25.32 -4.65 -10.19
C ARG A 222 25.92 -5.01 -8.84
N THR A 223 27.25 -5.05 -8.80
CA THR A 223 28.00 -5.32 -7.58
C THR A 223 28.38 -3.98 -6.95
N LEU A 224 28.12 -3.84 -5.65
CA LEU A 224 27.78 -2.55 -5.07
C LEU A 224 28.71 -2.11 -3.95
N GLU A 225 28.86 -2.93 -2.89
CA GLU A 225 29.49 -2.47 -1.66
C GLU A 225 30.45 -3.52 -1.13
N GLU A 226 31.71 -3.14 -1.02
CA GLU A 226 32.83 -4.05 -0.78
C GLU A 226 32.99 -4.24 0.72
N VAL A 227 32.94 -5.49 1.18
CA VAL A 227 32.80 -5.80 2.59
C VAL A 227 34.08 -6.41 3.15
N GLU A 228 34.20 -6.37 4.47
CA GLU A 228 35.28 -7.05 5.20
C GLU A 228 34.93 -8.51 5.39
N ALA A 229 33.79 -8.77 5.99
CA ALA A 229 33.40 -10.07 6.47
C ALA A 229 32.02 -10.46 5.96
N ILE A 230 31.62 -11.66 6.37
CA ILE A 230 30.43 -12.32 5.83
C ILE A 230 29.87 -13.18 6.94
N ASN A 231 28.64 -12.91 7.35
CA ASN A 231 28.04 -13.65 8.44
C ASN A 231 27.58 -15.00 7.93
N LEU A 232 28.39 -16.02 8.16
CA LEU A 232 28.08 -17.36 7.66
C LEU A 232 27.34 -18.17 8.73
N LEU A 233 26.28 -17.57 9.25
CA LEU A 233 25.47 -18.21 10.27
C LEU A 233 24.79 -19.44 9.70
N PRO A 234 24.32 -20.37 10.57
CA PRO A 234 23.47 -21.47 10.09
C PRO A 234 22.26 -20.99 9.30
N ALA A 235 22.13 -21.49 8.07
CA ALA A 235 21.44 -20.78 6.99
C ALA A 235 20.05 -21.30 6.67
N HIS A 236 19.24 -21.60 7.68
CA HIS A 236 17.87 -22.01 7.43
C HIS A 236 17.05 -21.56 8.63
N GLU A 237 15.86 -22.13 8.81
CA GLU A 237 15.25 -22.15 10.13
C GLU A 237 15.81 -23.31 10.93
N PHE A 238 16.16 -24.39 10.26
CA PHE A 238 16.79 -25.52 10.91
C PHE A 238 17.67 -26.29 9.92
N PRO A 239 18.88 -26.72 10.33
CA PRO A 239 19.71 -27.48 9.41
C PRO A 239 19.31 -28.95 9.46
N THR A 240 18.92 -29.51 8.32
CA THR A 240 18.18 -30.77 8.27
C THR A 240 18.75 -31.63 7.15
N ASP A 241 19.60 -32.59 7.51
CA ASP A 241 20.23 -33.49 6.57
C ASP A 241 19.58 -34.86 6.63
N LYS A 242 20.18 -35.81 5.92
CA LYS A 242 19.62 -37.15 5.76
C LYS A 242 19.28 -37.78 7.10
N ALA A 243 20.21 -37.70 8.05
CA ALA A 243 19.96 -38.33 9.34
C ALA A 243 18.95 -37.53 10.13
N ALA A 244 19.07 -36.21 10.11
CA ALA A 244 18.07 -35.34 10.73
C ALA A 244 16.70 -35.67 10.18
N ILE A 245 16.63 -35.90 8.89
CA ILE A 245 15.36 -36.21 8.27
C ILE A 245 14.86 -37.57 8.73
N GLU A 246 15.75 -38.57 8.74
CA GLU A 246 15.33 -39.92 9.06
C GLU A 246 14.91 -40.01 10.51
N LEU A 247 15.48 -39.17 11.37
CA LEU A 247 15.10 -39.19 12.77
C LEU A 247 13.89 -38.31 13.05
N PHE A 248 13.64 -37.27 12.26
CA PHE A 248 12.30 -36.69 12.27
C PHE A 248 11.26 -37.75 11.95
N ARG A 249 11.58 -38.58 10.96
CA ARG A 249 10.67 -39.63 10.53
C ARG A 249 10.44 -40.62 11.66
N SER A 250 11.54 -41.13 12.21
CA SER A 250 11.48 -42.00 13.38
C SER A 250 10.80 -41.30 14.55
N GLN A 251 10.90 -39.98 14.61
CA GLN A 251 10.35 -39.25 15.74
C GLN A 251 8.84 -39.24 15.70
N TRP A 252 8.27 -38.90 14.54
CA TRP A 252 6.85 -39.06 14.37
C TRP A 252 6.43 -40.48 14.66
N ARG A 253 7.16 -41.43 14.09
CA ARG A 253 6.85 -42.84 14.31
C ARG A 253 6.89 -43.19 15.79
N ASP A 254 7.72 -42.49 16.56
CA ASP A 254 7.75 -42.66 18.00
C ASP A 254 6.54 -42.03 18.64
N THR A 255 6.05 -40.94 18.08
CA THR A 255 4.84 -40.33 18.64
C THR A 255 3.62 -41.13 18.24
N PHE A 256 3.38 -41.23 16.94
CA PHE A 256 2.13 -41.75 16.41
C PHE A 256 2.43 -42.43 15.08
N GLU A 257 1.38 -42.79 14.34
CA GLU A 257 1.51 -43.51 13.09
C GLU A 257 0.44 -43.04 12.13
N VAL A 258 0.75 -43.16 10.84
CA VAL A 258 -0.07 -42.64 9.75
C VAL A 258 -0.18 -43.71 8.68
N LYS A 259 -0.84 -43.36 7.58
CA LYS A 259 -1.02 -44.26 6.45
C LYS A 259 0.12 -44.08 5.46
N ARG A 260 0.18 -45.02 4.51
CA ARG A 260 1.08 -44.97 3.37
C ARG A 260 0.55 -44.10 2.23
N ASP A 261 -0.45 -43.26 2.48
CA ASP A 261 -0.93 -42.37 1.42
C ASP A 261 0.10 -41.27 1.16
N PRO A 262 0.44 -40.99 -0.10
CA PRO A 262 1.67 -40.25 -0.40
C PRO A 262 1.59 -38.75 -0.16
N GLU A 263 0.39 -38.18 -0.04
CA GLU A 263 0.21 -36.75 0.13
C GLU A 263 -0.19 -36.41 1.56
N HIS A 264 0.27 -37.22 2.50
CA HIS A 264 0.30 -36.84 3.90
C HIS A 264 1.55 -36.01 4.12
N ILE A 265 1.41 -34.92 4.87
CA ILE A 265 2.50 -33.97 5.02
C ILE A 265 3.72 -34.65 5.62
N TYR A 266 3.49 -35.51 6.60
CA TYR A 266 4.58 -36.27 7.19
C TYR A 266 5.16 -37.24 6.19
N GLN A 267 4.30 -38.02 5.53
CA GLN A 267 4.78 -38.93 4.51
C GLN A 267 5.48 -38.18 3.40
N GLN A 268 4.95 -37.01 3.05
CA GLN A 268 5.55 -36.24 1.97
C GLN A 268 6.96 -35.83 2.33
N VAL A 269 7.13 -35.18 3.49
CA VAL A 269 8.48 -34.79 3.87
C VAL A 269 9.34 -35.98 4.21
N SER A 270 8.73 -37.13 4.54
CA SER A 270 9.50 -38.36 4.62
C SER A 270 10.00 -38.79 3.25
N LYS A 271 9.37 -38.27 2.20
CA LYS A 271 9.94 -38.31 0.86
C LYS A 271 10.98 -37.22 0.63
N GLY A 272 11.37 -36.47 1.67
CA GLY A 272 12.37 -35.45 1.54
C GLY A 272 11.84 -34.20 0.88
N THR A 273 10.85 -33.57 1.50
CA THR A 273 10.07 -32.53 0.85
C THR A 273 9.70 -31.47 1.88
N LEU A 274 8.97 -30.45 1.41
CA LEU A 274 8.75 -29.24 2.18
C LEU A 274 7.42 -28.54 1.85
N PRO A 275 6.40 -28.74 2.67
CA PRO A 275 5.25 -27.82 2.69
C PRO A 275 5.54 -26.57 3.51
N ALA A 276 4.49 -25.78 3.78
CA ALA A 276 4.66 -24.45 4.33
C ALA A 276 4.65 -24.42 5.86
N GLY A 277 3.54 -24.83 6.48
CA GLY A 277 3.42 -24.77 7.92
C GLY A 277 4.16 -25.86 8.68
N ILE A 278 4.94 -26.67 7.96
CA ILE A 278 5.72 -27.75 8.54
C ILE A 278 6.64 -27.29 9.65
N GLU A 279 7.05 -26.02 9.61
CA GLU A 279 7.82 -25.41 10.69
C GLU A 279 7.21 -25.70 12.04
N TYR A 280 5.90 -25.78 12.11
CA TYR A 280 5.17 -25.95 13.35
C TYR A 280 5.52 -27.24 14.06
N TRP A 281 6.17 -28.19 13.39
CA TRP A 281 6.61 -29.42 14.03
C TRP A 281 8.09 -29.41 14.40
N GLN A 282 8.88 -28.58 13.73
CA GLN A 282 10.26 -28.37 14.14
C GLN A 282 10.44 -28.12 15.64
N PRO A 283 9.60 -27.35 16.33
CA PRO A 283 9.77 -27.24 17.79
C PRO A 283 9.62 -28.57 18.51
N LEU A 284 9.02 -29.56 17.86
CA LEU A 284 9.02 -30.93 18.34
C LEU A 284 10.12 -31.75 17.70
N PHE A 285 11.27 -31.12 17.46
CA PHE A 285 12.40 -31.83 16.86
C PHE A 285 13.14 -32.71 17.87
N PHE A 286 13.29 -32.22 19.11
CA PHE A 286 13.90 -33.00 20.18
C PHE A 286 13.06 -33.00 21.43
N SER A 287 13.30 -34.03 22.25
CA SER A 287 12.59 -34.17 23.51
C SER A 287 12.91 -33.00 24.43
N GLU A 288 14.19 -32.66 24.53
CA GLU A 288 14.65 -31.55 25.35
C GLU A 288 13.93 -30.29 24.91
N PRO A 289 12.97 -29.78 25.66
CA PRO A 289 12.27 -28.57 25.22
C PRO A 289 13.15 -27.36 25.42
N LEU A 290 12.72 -26.23 24.86
CA LEU A 290 13.44 -24.98 24.95
C LEU A 290 12.51 -23.90 25.44
N PRO A 291 12.25 -23.85 26.74
CA PRO A 291 11.57 -22.70 27.35
C PRO A 291 12.25 -21.39 27.02
N PRO A 292 11.65 -20.26 27.39
CA PRO A 292 12.08 -18.97 26.83
C PRO A 292 13.53 -18.63 27.12
N LEU A 293 13.90 -17.47 26.61
CA LEU A 293 15.29 -17.13 26.47
C LEU A 293 15.87 -16.52 27.73
N PHE A 294 15.07 -16.46 28.81
CA PHE A 294 15.60 -16.30 30.16
C PHE A 294 16.82 -17.18 30.37
N SER A 295 16.78 -18.39 29.81
CA SER A 295 17.89 -19.32 29.82
C SER A 295 19.19 -18.70 29.35
N TYR A 296 19.15 -17.74 28.45
CA TYR A 296 20.35 -17.32 27.74
C TYR A 296 21.01 -16.08 28.33
N PHE A 297 20.24 -15.11 28.83
CA PHE A 297 20.81 -13.81 29.15
C PHE A 297 21.82 -13.92 30.29
N PRO A 298 22.64 -12.88 30.48
CA PRO A 298 23.48 -12.83 31.68
C PRO A 298 22.64 -12.51 32.91
N ALA A 299 23.27 -12.76 34.06
CA ALA A 299 22.56 -12.66 35.33
C ALA A 299 22.03 -11.26 35.56
N ASN A 300 22.75 -10.25 35.09
CA ASN A 300 22.36 -8.86 35.33
C ASN A 300 21.02 -8.52 34.70
N THR A 301 20.66 -9.22 33.64
CA THR A 301 19.54 -8.81 32.81
C THR A 301 18.23 -8.89 33.60
N LEU A 302 17.26 -8.07 33.19
CA LEU A 302 16.09 -7.75 34.01
C LEU A 302 14.85 -7.72 33.12
N LEU A 303 13.68 -7.65 33.77
CA LEU A 303 12.38 -7.90 33.16
C LEU A 303 11.51 -6.65 33.22
N VAL A 304 10.32 -6.72 32.62
CA VAL A 304 9.36 -5.62 32.64
C VAL A 304 7.94 -6.17 32.62
N ASN A 305 7.02 -5.46 33.29
CA ASN A 305 5.59 -5.70 33.20
C ASN A 305 4.94 -4.70 32.26
N THR A 306 3.76 -5.06 31.76
CA THR A 306 2.88 -4.09 31.10
C THR A 306 1.53 -4.78 30.92
N GLY A 307 0.47 -4.08 31.28
CA GLY A 307 -0.88 -4.62 31.13
C GLY A 307 -1.10 -5.87 31.95
N ASP A 308 -1.17 -7.03 31.29
CA ASP A 308 -1.34 -8.30 31.97
C ASP A 308 -0.64 -9.40 31.18
N LEU A 309 0.60 -9.71 31.55
CA LEU A 309 1.25 -10.89 31.03
C LEU A 309 0.43 -12.12 31.33
N GLU A 310 -0.12 -12.20 32.54
CA GLU A 310 -0.78 -13.40 32.98
C GLU A 310 -2.07 -13.64 32.23
N THR A 311 -2.89 -12.60 32.09
CA THR A 311 -4.19 -12.80 31.45
C THR A 311 -4.03 -12.91 29.95
N SER A 312 -3.18 -12.06 29.39
CA SER A 312 -2.83 -12.18 27.98
C SER A 312 -2.38 -13.58 27.67
N ALA A 313 -1.51 -14.12 28.52
CA ALA A 313 -1.00 -15.46 28.29
C ALA A 313 -2.07 -16.51 28.49
N GLU A 314 -2.97 -16.28 29.43
CA GLU A 314 -3.97 -17.30 29.73
C GLU A 314 -4.99 -17.39 28.61
N ARG A 315 -5.42 -16.25 28.11
CA ARG A 315 -6.30 -16.27 26.95
C ARG A 315 -5.54 -16.70 25.71
N PHE A 316 -4.23 -16.47 25.66
CA PHE A 316 -3.42 -17.05 24.61
C PHE A 316 -3.53 -18.56 24.63
N GLN A 317 -3.35 -19.14 25.81
CA GLN A 317 -3.50 -20.57 25.97
C GLN A 317 -4.88 -21.01 25.56
N ALA A 318 -5.88 -20.23 25.97
CA ALA A 318 -7.27 -20.58 25.69
C ALA A 318 -7.51 -20.65 24.19
N ASP A 319 -6.98 -19.69 23.44
CA ASP A 319 -7.23 -19.70 22.01
C ASP A 319 -6.38 -20.73 21.30
N THR A 320 -5.14 -20.92 21.74
CA THR A 320 -4.31 -21.96 21.13
C THR A 320 -4.96 -23.32 21.27
N LEU A 321 -5.45 -23.64 22.47
CA LEU A 321 -6.06 -24.95 22.66
C LEU A 321 -7.42 -25.01 22.00
N ALA A 322 -8.12 -23.89 21.95
CA ALA A 322 -9.35 -23.83 21.16
C ALA A 322 -9.07 -24.26 19.74
N ARG A 323 -8.22 -23.47 19.07
CA ARG A 323 -7.72 -23.75 17.73
C ARG A 323 -7.30 -25.20 17.56
N PHE A 324 -6.61 -25.73 18.58
CA PHE A 324 -6.21 -27.12 18.55
C PHE A 324 -7.42 -28.04 18.42
N GLU A 325 -8.32 -28.00 19.39
CA GLU A 325 -9.41 -28.96 19.39
C GLU A 325 -10.37 -28.73 18.23
N ASN A 326 -10.73 -27.48 17.96
CA ASN A 326 -11.70 -27.22 16.89
C ASN A 326 -11.11 -27.54 15.53
N ARG A 327 -9.81 -27.30 15.35
CA ARG A 327 -9.10 -27.65 14.13
C ARG A 327 -8.41 -29.00 14.21
N GLY A 328 -8.48 -29.68 15.35
CA GLY A 328 -7.93 -31.03 15.45
C GLY A 328 -8.81 -32.04 14.74
N VAL A 329 -8.95 -31.88 13.43
CA VAL A 329 -9.88 -32.66 12.63
C VAL A 329 -9.25 -33.25 11.39
N ASP A 330 -8.13 -32.74 10.92
CA ASP A 330 -7.57 -33.19 9.67
C ASP A 330 -6.78 -34.49 9.87
N PRO A 331 -6.81 -35.42 8.90
CA PRO A 331 -6.04 -36.65 9.08
C PRO A 331 -4.60 -36.49 8.63
N MET A 332 -4.35 -35.62 7.66
CA MET A 332 -3.04 -35.43 7.10
C MET A 332 -2.25 -34.36 7.82
N ARG A 333 -2.71 -33.95 8.99
CA ARG A 333 -2.14 -32.80 9.68
C ARG A 333 -2.20 -33.10 11.17
N PRO A 334 -1.10 -33.62 11.76
CA PRO A 334 -1.13 -33.87 13.20
C PRO A 334 -1.11 -32.58 14.00
N LEU A 335 -2.24 -32.26 14.61
CA LEU A 335 -2.23 -31.29 15.68
C LEU A 335 -1.65 -31.96 16.93
N LEU A 336 -1.09 -31.13 17.80
CA LEU A 336 0.00 -31.56 18.65
C LEU A 336 -0.18 -31.04 20.07
N PRO A 337 0.57 -31.55 21.04
CA PRO A 337 0.36 -31.14 22.43
C PRO A 337 0.94 -29.75 22.65
N PRO A 338 0.11 -28.72 22.81
CA PRO A 338 0.67 -27.37 22.94
C PRO A 338 1.59 -27.22 24.14
N GLN A 339 1.35 -27.98 25.21
CA GLN A 339 2.30 -27.96 26.33
C GLN A 339 3.64 -28.54 25.89
N SER A 340 3.60 -29.57 25.05
CA SER A 340 4.86 -30.07 24.49
C SER A 340 5.47 -29.05 23.56
N LEU A 341 4.63 -28.43 22.73
CA LEU A 341 5.11 -27.40 21.83
C LEU A 341 5.68 -26.25 22.61
N TRP A 342 4.82 -25.59 23.37
CA TRP A 342 5.09 -24.29 23.97
C TRP A 342 4.75 -24.40 25.44
N LEU A 343 4.77 -23.26 26.11
CA LEU A 343 4.89 -23.23 27.55
C LEU A 343 3.71 -22.51 28.16
N ARG A 344 3.72 -22.43 29.48
CA ARG A 344 2.56 -22.07 30.26
C ARG A 344 2.96 -21.12 31.38
N VAL A 345 1.97 -20.36 31.86
CA VAL A 345 2.28 -19.21 32.69
C VAL A 345 2.88 -19.65 34.00
N ASP A 346 2.41 -20.80 34.51
CA ASP A 346 2.94 -21.37 35.74
C ASP A 346 4.47 -21.43 35.71
N GLU A 347 5.02 -22.20 34.78
CA GLU A 347 6.47 -22.34 34.73
C GLU A 347 7.12 -21.09 34.19
N LEU A 348 6.37 -20.22 33.51
CA LEU A 348 6.96 -19.02 32.95
C LEU A 348 7.25 -18.00 34.05
N PHE A 349 6.25 -17.68 34.89
CA PHE A 349 6.59 -16.83 36.01
C PHE A 349 7.57 -17.54 36.92
N SER A 350 7.51 -18.87 36.99
CA SER A 350 8.36 -19.58 37.90
C SER A 350 9.82 -19.53 37.47
N GLU A 351 10.08 -19.52 36.16
CA GLU A 351 11.45 -19.31 35.73
C GLU A 351 11.87 -17.89 35.98
N LEU A 352 11.10 -16.93 35.51
CA LEU A 352 11.55 -15.54 35.60
C LEU A 352 11.55 -15.01 37.02
N LYS A 353 11.12 -15.83 37.99
CA LYS A 353 11.58 -15.64 39.37
C LYS A 353 13.09 -15.44 39.43
N ASN A 354 13.82 -16.08 38.51
CA ASN A 354 15.27 -15.96 38.42
C ASN A 354 15.76 -14.52 38.37
N TRP A 355 14.90 -13.59 37.96
CA TRP A 355 15.32 -12.21 37.77
C TRP A 355 14.23 -11.25 38.17
N PRO A 356 14.58 -10.01 38.50
CA PRO A 356 13.60 -9.00 38.86
C PRO A 356 13.06 -8.33 37.61
N ARG A 357 12.12 -7.41 37.80
CA ARG A 357 11.48 -6.76 36.67
C ARG A 357 11.28 -5.28 36.94
N VAL A 358 10.65 -4.64 35.97
CA VAL A 358 10.12 -3.29 36.05
C VAL A 358 8.61 -3.43 35.98
N GLN A 359 7.93 -3.31 37.11
CA GLN A 359 6.49 -3.44 37.14
C GLN A 359 5.87 -2.05 37.00
N LEU A 360 5.26 -1.81 35.85
CA LEU A 360 4.80 -0.48 35.47
C LEU A 360 3.31 -0.45 35.23
N LYS A 361 2.63 0.52 35.82
CA LYS A 361 1.26 0.89 35.46
C LYS A 361 1.10 2.37 35.76
N THR A 362 0.17 3.04 35.07
CA THR A 362 0.22 4.47 34.91
C THR A 362 -0.39 5.25 36.09
N GLU A 363 -0.56 4.62 37.26
CA GLU A 363 -1.49 5.12 38.27
C GLU A 363 -0.88 5.27 39.65
N HIS A 364 -1.54 6.08 40.47
CA HIS A 364 -1.26 6.10 41.90
C HIS A 364 -1.78 4.83 42.54
N LEU A 365 -1.13 4.43 43.61
CA LEU A 365 -1.15 3.06 44.09
C LEU A 365 -1.07 3.01 45.61
N PRO A 366 -1.22 1.82 46.19
CA PRO A 366 -1.01 1.68 47.63
C PRO A 366 0.41 2.07 48.05
N THR A 367 0.60 2.11 49.36
CA THR A 367 1.88 2.42 49.96
C THR A 367 2.65 1.13 50.19
N LYS A 368 3.74 0.96 49.46
CA LYS A 368 4.65 -0.15 49.67
C LYS A 368 6.02 0.29 49.17
N ALA A 369 7.05 -0.11 49.93
CA ALA A 369 8.40 0.34 49.62
C ALA A 369 8.84 -0.06 48.21
N ALA A 370 8.28 -1.14 47.67
CA ALA A 370 8.51 -1.44 46.27
C ALA A 370 7.88 -0.42 45.35
N ASN A 371 6.84 0.28 45.81
CA ASN A 371 6.09 1.14 44.93
C ASN A 371 6.87 2.41 44.61
N ALA A 372 6.52 3.03 43.48
CA ALA A 372 7.17 4.25 43.02
C ALA A 372 6.23 5.45 43.05
N ASN A 373 5.09 5.38 42.36
CA ASN A 373 4.16 6.51 42.23
C ASN A 373 4.89 7.74 41.72
N LEU A 374 5.45 7.61 40.52
CA LEU A 374 6.28 8.65 39.97
C LEU A 374 5.45 9.87 39.60
N GLY A 375 6.02 11.05 39.84
CA GLY A 375 5.24 12.28 39.79
C GLY A 375 4.85 12.72 38.40
N PHE A 376 3.95 11.97 37.76
CA PHE A 376 3.34 12.36 36.49
C PHE A 376 1.84 12.52 36.65
N GLN A 377 1.31 13.45 35.88
CA GLN A 377 -0.06 13.92 35.99
C GLN A 377 -0.65 13.98 34.59
N LYS A 378 -1.86 14.53 34.49
CA LYS A 378 -2.54 14.58 33.21
C LYS A 378 -2.30 15.89 32.48
N LEU A 379 -1.96 15.75 31.21
CA LEU A 379 -2.10 16.83 30.25
C LEU A 379 -3.53 17.38 30.29
N PRO A 380 -3.75 18.61 29.83
CA PRO A 380 -5.11 19.13 29.73
C PRO A 380 -5.74 18.74 28.41
N ASP A 381 -7.01 19.10 28.27
CA ASP A 381 -7.68 18.95 26.99
C ASP A 381 -7.19 20.05 26.05
N LEU A 382 -7.06 19.69 24.78
CA LEU A 382 -6.34 20.49 23.79
C LEU A 382 -7.23 20.74 22.58
N ALA A 383 -8.45 21.20 22.84
CA ALA A 383 -9.40 21.47 21.77
C ALA A 383 -9.06 22.79 21.11
N VAL A 384 -8.92 22.76 19.79
CA VAL A 384 -8.65 23.95 18.98
C VAL A 384 -9.52 23.82 17.74
N GLN A 385 -10.63 24.55 17.72
CA GLN A 385 -11.64 24.43 16.68
C GLN A 385 -11.42 25.50 15.63
N ALA A 386 -11.29 25.09 14.38
CA ALA A 386 -11.05 26.02 13.29
C ALA A 386 -12.16 27.07 13.15
N GLN A 387 -13.33 26.82 13.73
CA GLN A 387 -14.43 27.77 13.66
C GLN A 387 -14.11 29.09 14.36
N GLN A 388 -13.11 29.10 15.24
CA GLN A 388 -13.01 30.12 16.26
C GLN A 388 -11.96 31.16 15.89
N LYS A 389 -11.73 32.08 16.84
CA LYS A 389 -10.89 33.24 16.59
C LYS A 389 -9.50 33.03 17.15
N ALA A 390 -9.41 32.72 18.44
CA ALA A 390 -8.17 32.28 19.08
C ALA A 390 -8.42 30.99 19.84
N PRO A 391 -8.86 29.93 19.15
CA PRO A 391 -8.85 28.60 19.76
C PRO A 391 -7.44 28.10 20.00
N LEU A 392 -6.48 28.61 19.24
CA LEU A 392 -5.07 28.33 19.40
C LEU A 392 -4.57 28.68 20.79
N ASP A 393 -5.07 29.77 21.35
CA ASP A 393 -4.49 30.36 22.55
C ASP A 393 -4.48 29.42 23.74
N ALA A 394 -5.39 28.44 23.77
CA ALA A 394 -5.59 27.54 24.91
C ALA A 394 -4.27 27.12 25.55
N LEU A 395 -3.36 26.65 24.73
CA LEU A 395 -2.00 26.44 25.17
C LEU A 395 -1.42 27.73 25.73
N ARG A 396 -1.47 28.79 24.94
CA ARG A 396 -0.74 30.02 25.27
C ARG A 396 -1.16 30.55 26.63
N LYS A 397 -2.46 30.70 26.82
CA LYS A 397 -3.00 31.07 28.13
C LYS A 397 -2.54 30.09 29.20
N PHE A 398 -2.34 28.82 28.87
CA PHE A 398 -1.78 27.94 29.89
C PHE A 398 -0.31 28.23 30.15
N LEU A 399 0.40 28.77 29.16
CA LEU A 399 1.86 28.82 29.21
C LEU A 399 2.32 29.70 30.36
N GLU A 400 1.71 30.88 30.51
CA GLU A 400 2.15 31.81 31.54
C GLU A 400 1.97 31.25 32.94
N THR A 401 1.15 30.22 33.10
CA THR A 401 0.76 29.71 34.39
C THR A 401 1.68 28.62 34.90
N PHE A 402 2.81 28.37 34.22
CA PHE A 402 3.58 27.20 34.56
C PHE A 402 5.01 27.31 34.06
N ASP A 403 5.91 26.65 34.77
CA ASP A 403 7.34 26.67 34.47
C ASP A 403 7.74 25.70 33.36
N GLY A 404 6.79 25.06 32.71
CA GLY A 404 7.09 23.98 31.80
C GLY A 404 7.73 24.44 30.50
N PRO A 405 8.99 24.03 30.23
CA PRO A 405 9.51 24.19 28.86
C PRO A 405 8.71 23.35 27.86
N VAL A 406 8.95 23.56 26.56
CA VAL A 406 8.22 22.87 25.50
C VAL A 406 9.17 22.18 24.53
N VAL A 407 10.31 21.69 25.02
CA VAL A 407 11.20 21.00 24.10
C VAL A 407 10.50 19.69 23.78
N PHE A 408 9.78 19.70 22.67
CA PHE A 408 8.71 18.75 22.37
C PHE A 408 8.95 18.15 20.99
N SER A 409 7.97 17.42 20.47
CA SER A 409 8.22 16.53 19.35
C SER A 409 8.33 17.27 18.03
N VAL A 410 9.19 16.70 17.19
CA VAL A 410 9.20 16.94 15.75
C VAL A 410 9.02 15.58 15.12
N GLU A 411 8.27 15.53 14.02
CA GLU A 411 8.16 14.30 13.25
C GLU A 411 8.90 14.36 11.93
N SER A 412 9.28 15.55 11.48
CA SER A 412 9.92 15.68 10.19
C SER A 412 10.48 17.08 10.03
N GLU A 413 11.27 17.24 8.97
CA GLU A 413 11.81 18.55 8.62
C GLU A 413 10.70 19.49 8.17
N GLY A 414 9.79 19.00 7.34
CA GLY A 414 8.64 19.79 6.99
C GLY A 414 7.75 20.06 8.18
N ARG A 415 7.69 19.09 9.10
CA ARG A 415 6.97 19.35 10.34
C ARG A 415 7.64 20.45 11.12
N ARG A 416 8.98 20.49 11.14
CA ARG A 416 9.67 21.60 11.78
C ARG A 416 9.26 22.92 11.15
N GLU A 417 9.28 22.97 9.82
CA GLU A 417 8.96 24.21 9.13
C GLU A 417 7.54 24.66 9.44
N ALA A 418 6.57 23.76 9.24
CA ALA A 418 5.17 24.10 9.46
C ALA A 418 4.93 24.52 10.89
N LEU A 419 5.44 23.73 11.84
CA LEU A 419 5.16 24.01 13.23
C LEU A 419 5.82 25.32 13.65
N GLY A 420 6.99 25.62 13.10
CA GLY A 420 7.61 26.89 13.43
C GLY A 420 6.84 28.07 12.88
N GLU A 421 6.38 27.97 11.64
CA GLU A 421 5.64 29.10 11.08
C GLU A 421 4.33 29.32 11.81
N LEU A 422 3.67 28.25 12.22
CA LEU A 422 2.46 28.40 13.04
C LEU A 422 2.77 28.63 14.50
N LEU A 423 4.04 28.65 14.87
CA LEU A 423 4.46 29.21 16.14
C LEU A 423 4.81 30.68 16.02
N ALA A 424 5.05 31.15 14.81
CA ALA A 424 5.02 32.58 14.57
C ALA A 424 3.59 33.10 14.52
N ARG A 425 2.60 32.21 14.49
CA ARG A 425 1.22 32.63 14.67
C ARG A 425 0.96 33.05 16.10
N ILE A 426 1.90 32.78 17.00
CA ILE A 426 1.81 33.15 18.40
C ILE A 426 3.03 33.93 18.85
N LYS A 427 4.02 34.10 17.97
CA LYS A 427 5.19 34.94 18.18
C LYS A 427 6.18 34.26 19.12
N ILE A 428 6.37 32.97 18.93
CA ILE A 428 7.38 32.19 19.63
C ILE A 428 8.07 31.29 18.61
N ALA A 429 9.33 30.97 18.85
CA ALA A 429 10.15 30.18 17.93
C ALA A 429 11.17 29.40 18.76
N PRO A 430 10.84 28.18 19.20
CA PRO A 430 11.83 27.38 19.92
C PRO A 430 13.10 27.14 19.11
N GLN A 431 14.19 26.92 19.84
CA GLN A 431 15.50 26.60 19.27
C GLN A 431 15.77 25.15 19.60
N ARG A 432 15.62 24.29 18.60
CA ARG A 432 15.51 22.86 18.80
C ARG A 432 16.67 22.30 19.61
N ILE A 433 16.36 21.81 20.81
CA ILE A 433 17.34 21.24 21.72
C ILE A 433 17.20 19.72 21.70
N MET A 434 18.28 19.05 21.31
CA MET A 434 18.29 17.60 21.18
C MET A 434 18.25 16.90 22.53
N ARG A 435 18.75 17.54 23.58
CA ARG A 435 18.74 16.93 24.89
C ARG A 435 17.39 17.12 25.56
N LEU A 436 17.27 16.58 26.77
CA LEU A 436 15.99 16.07 27.25
C LEU A 436 15.37 16.91 28.36
N ASP A 437 16.10 17.16 29.46
CA ASP A 437 15.50 17.69 30.69
C ASP A 437 16.13 18.97 31.21
N GLU A 438 17.32 19.35 30.74
CA GLU A 438 18.01 20.50 31.33
C GLU A 438 17.30 21.82 31.07
N ALA A 439 16.45 21.88 30.05
CA ALA A 439 16.02 23.15 29.48
C ALA A 439 15.34 24.04 30.51
N SER A 440 15.29 25.33 30.19
CA SER A 440 14.89 26.35 31.14
C SER A 440 13.45 26.15 31.59
N ASP A 441 13.14 26.74 32.74
CA ASP A 441 11.75 26.93 33.12
C ASP A 441 11.05 27.70 32.01
N ARG A 442 10.05 27.09 31.41
CA ARG A 442 9.42 27.63 30.21
C ARG A 442 10.42 27.80 29.07
N GLY A 443 11.48 26.99 29.06
CA GLY A 443 12.44 26.98 27.98
C GLY A 443 11.80 26.57 26.67
N ARG A 444 11.95 27.41 25.65
CA ARG A 444 11.31 27.21 24.35
C ARG A 444 12.31 26.62 23.39
N TYR A 445 12.26 25.30 23.24
CA TYR A 445 13.12 24.53 22.36
C TYR A 445 12.29 23.42 21.75
N LEU A 446 12.94 22.43 21.16
CA LEU A 446 12.25 21.34 20.48
C LEU A 446 13.21 20.19 20.21
N MET A 447 12.64 19.08 19.73
CA MET A 447 13.40 17.96 19.18
C MET A 447 12.42 16.99 18.52
N ILE A 448 12.93 15.82 18.11
CA ILE A 448 12.11 14.86 17.37
C ILE A 448 11.22 14.07 18.33
N GLY A 449 10.04 13.71 17.83
CA GLY A 449 9.18 12.78 18.51
C GLY A 449 8.26 12.11 17.50
N ALA A 450 7.59 11.05 17.95
CA ALA A 450 6.65 10.35 17.09
C ALA A 450 5.39 9.87 17.81
N ALA A 451 5.23 10.16 19.10
CA ALA A 451 4.12 9.62 19.86
C ALA A 451 2.86 10.44 19.63
N GLU A 452 1.78 10.02 20.29
CA GLU A 452 0.51 10.75 20.29
C GLU A 452 0.17 11.29 21.67
N HIS A 453 0.02 10.43 22.66
CA HIS A 453 -0.48 10.83 23.97
C HIS A 453 0.66 11.24 24.87
N GLY A 454 0.43 12.28 25.66
CA GLY A 454 1.41 12.72 26.63
C GLY A 454 0.73 13.12 27.92
N PHE A 455 1.53 13.69 28.81
CA PHE A 455 1.20 13.78 30.23
C PHE A 455 1.79 15.07 30.78
N VAL A 456 1.86 15.13 32.11
CA VAL A 456 2.42 16.25 32.86
C VAL A 456 3.44 15.65 33.82
N ASP A 457 4.42 16.44 34.22
CA ASP A 457 5.35 16.06 35.27
C ASP A 457 5.24 17.05 36.43
N THR A 458 5.75 16.63 37.58
CA THR A 458 5.92 17.49 38.73
C THR A 458 7.35 17.39 39.25
N VAL A 459 7.95 16.21 39.16
CA VAL A 459 9.37 16.07 39.50
C VAL A 459 10.22 16.89 38.55
N ARG A 460 9.71 17.20 37.35
CA ARG A 460 10.38 18.06 36.39
C ARG A 460 9.42 19.05 35.73
N ASN A 461 8.20 19.16 36.23
CA ASN A 461 7.27 20.28 36.01
C ASN A 461 7.23 20.77 34.57
N LEU A 462 6.85 19.87 33.67
CA LEU A 462 6.61 20.19 32.27
C LEU A 462 5.78 19.06 31.67
N ALA A 463 5.64 19.06 30.33
CA ALA A 463 4.73 18.15 29.63
C ALA A 463 5.48 17.44 28.51
N LEU A 464 4.74 16.72 27.69
CA LEU A 464 5.32 16.05 26.52
C LEU A 464 4.26 15.91 25.45
N ILE A 465 4.10 16.94 24.59
CA ILE A 465 2.92 17.01 23.73
C ILE A 465 3.32 17.66 22.41
N CYS A 466 2.55 17.34 21.36
CA CYS A 466 2.59 18.05 20.09
C CYS A 466 1.15 18.15 19.59
N GLU A 467 1.00 18.48 18.29
CA GLU A 467 -0.33 18.61 17.71
C GLU A 467 -1.08 17.29 17.66
N SER A 468 -0.40 16.18 17.93
CA SER A 468 -1.07 14.90 18.01
C SER A 468 -2.23 14.97 18.99
N ASP A 469 -1.94 15.33 20.24
CA ASP A 469 -3.01 15.44 21.23
C ASP A 469 -3.89 16.64 20.94
N LEU A 470 -3.37 17.63 20.22
CA LEU A 470 -4.20 18.78 19.87
C LEU A 470 -5.32 18.36 18.92
N LEU A 471 -4.94 17.86 17.75
CA LEU A 471 -5.86 17.53 16.68
C LEU A 471 -5.52 16.19 16.02
N GLY A 472 -4.41 15.58 16.39
CA GLY A 472 -4.03 14.35 15.72
C GLY A 472 -3.45 14.65 14.35
N GLU A 473 -3.91 13.88 13.38
CA GLU A 473 -3.45 14.00 12.01
C GLU A 473 -4.60 13.65 11.09
N ARG A 474 -4.49 14.09 9.84
CA ARG A 474 -5.54 13.88 8.85
C ARG A 474 -6.85 14.48 9.32
N ILE A 500 11.61 12.07 -21.60
CA ILE A 500 11.61 10.61 -21.63
C ILE A 500 11.21 10.20 -23.04
N GLY A 501 11.74 10.88 -24.05
CA GLY A 501 11.29 10.63 -25.40
C GLY A 501 9.83 11.02 -25.57
N GLN A 502 9.43 12.14 -24.97
CA GLN A 502 8.03 12.42 -24.72
C GLN A 502 7.47 13.44 -25.70
N PRO A 503 6.45 13.10 -26.49
CA PRO A 503 5.57 14.13 -27.03
C PRO A 503 4.56 14.58 -25.99
N VAL A 504 3.91 15.71 -26.32
CA VAL A 504 3.20 16.48 -25.32
C VAL A 504 2.29 17.47 -26.03
N VAL A 505 1.25 17.92 -25.33
CA VAL A 505 0.22 18.76 -25.90
C VAL A 505 0.00 19.96 -24.98
N HIS A 506 -0.23 21.13 -25.57
CA HIS A 506 -0.26 22.38 -24.82
C HIS A 506 -1.26 23.33 -25.44
N LEU A 507 -2.05 23.93 -24.57
CA LEU A 507 -3.20 24.73 -24.96
C LEU A 507 -2.81 25.88 -25.88
N GLU A 508 -1.99 26.80 -25.39
CA GLU A 508 -1.89 28.09 -26.05
C GLU A 508 -1.15 28.04 -27.37
N HIS A 509 -0.30 27.03 -27.58
CA HIS A 509 0.62 27.06 -28.72
C HIS A 509 0.84 25.74 -29.41
N GLY A 510 0.14 24.65 -29.06
CA GLY A 510 0.13 23.49 -29.92
C GLY A 510 0.56 22.16 -29.36
N VAL A 511 1.44 21.51 -30.11
CA VAL A 511 1.83 20.12 -29.88
C VAL A 511 3.33 20.04 -30.10
N GLY A 512 4.04 19.41 -29.17
CA GLY A 512 5.49 19.38 -29.27
C GLY A 512 6.05 18.17 -28.57
N ARG A 513 7.33 18.24 -28.19
CA ARG A 513 7.97 17.11 -27.54
C ARG A 513 9.02 17.60 -26.56
N TYR A 514 9.57 16.63 -25.84
CA TYR A 514 10.57 16.86 -24.80
C TYR A 514 11.82 17.52 -25.35
N ALA A 515 12.39 18.42 -24.55
CA ALA A 515 13.82 18.72 -24.67
C ALA A 515 14.53 18.80 -23.35
N GLY A 516 13.85 19.15 -22.26
CA GLY A 516 14.50 19.42 -20.99
C GLY A 516 14.09 20.77 -20.43
N MET A 517 15.08 21.63 -20.18
CA MET A 517 14.83 22.81 -19.37
C MET A 517 15.99 23.78 -19.51
N THR A 518 15.65 25.05 -19.69
CA THR A 518 16.59 26.09 -20.09
C THR A 518 16.79 27.05 -18.92
N THR A 519 17.82 26.77 -18.13
CA THR A 519 18.36 27.80 -17.24
C THR A 519 18.75 29.02 -18.05
N LEU A 520 18.68 30.18 -17.41
CA LEU A 520 19.09 31.43 -18.04
C LEU A 520 19.06 32.53 -16.99
N GLU A 521 19.64 33.66 -17.37
CA GLU A 521 19.46 34.92 -16.65
C GLU A 521 18.33 35.65 -17.35
N ALA A 522 17.21 35.80 -16.67
CA ALA A 522 16.10 36.54 -17.23
C ALA A 522 16.45 38.03 -17.21
N GLY A 523 15.48 38.87 -17.54
CA GLY A 523 15.76 40.29 -17.68
C GLY A 523 16.05 40.95 -16.36
N GLY A 524 17.20 40.64 -15.79
CA GLY A 524 17.60 41.14 -14.50
C GLY A 524 17.43 40.16 -13.36
N ILE A 525 16.97 38.94 -13.63
CA ILE A 525 16.80 37.90 -12.63
C ILE A 525 17.04 36.57 -13.32
N THR A 526 17.13 35.50 -12.54
CA THR A 526 17.29 34.19 -13.15
C THR A 526 16.05 33.81 -13.94
N GLY A 527 16.25 32.95 -14.92
CA GLY A 527 15.18 32.21 -15.51
C GLY A 527 15.58 30.75 -15.62
N GLU A 528 14.65 29.88 -15.28
CA GLU A 528 14.79 28.46 -15.57
C GLU A 528 13.46 27.99 -16.12
N TYR A 529 13.46 27.63 -17.39
CA TYR A 529 12.25 27.39 -18.15
C TYR A 529 12.32 26.00 -18.75
N LEU A 530 11.20 25.51 -19.22
CA LEU A 530 11.16 24.20 -19.85
C LEU A 530 11.53 24.34 -21.31
N MET A 531 12.15 23.29 -21.84
CA MET A 531 12.49 23.22 -23.25
C MET A 531 11.52 22.28 -23.96
N LEU A 532 10.68 22.85 -24.83
CA LEU A 532 9.80 22.07 -25.67
C LEU A 532 10.20 22.27 -27.12
N THR A 533 9.94 21.23 -27.91
CA THR A 533 10.44 21.09 -29.26
C THR A 533 9.28 20.91 -30.22
N TYR A 534 9.07 21.88 -31.11
CA TYR A 534 8.04 21.68 -32.13
C TYR A 534 8.51 22.45 -33.37
N ALA A 535 7.55 22.96 -34.15
CA ALA A 535 7.73 23.54 -35.48
C ALA A 535 9.07 24.23 -35.70
N ASN A 536 9.70 23.88 -36.83
CA ASN A 536 10.93 24.47 -37.32
C ASN A 536 11.99 24.61 -36.23
N ASP A 537 12.07 23.61 -35.36
CA ASP A 537 12.88 23.69 -34.16
C ASP A 537 12.38 24.81 -33.26
N ALA A 538 11.07 24.89 -33.11
CA ALA A 538 10.50 25.78 -32.12
C ALA A 538 11.02 25.35 -30.76
N LYS A 539 11.71 26.30 -30.13
CA LYS A 539 12.73 26.09 -29.12
C LYS A 539 12.20 26.24 -27.72
N LEU A 540 10.88 26.16 -27.55
CA LEU A 540 10.20 26.91 -26.50
C LEU A 540 10.76 26.77 -25.10
N TYR A 541 11.39 27.85 -24.67
CA TYR A 541 11.56 28.19 -23.26
C TYR A 541 10.19 28.53 -22.70
N VAL A 542 9.78 27.80 -21.67
CA VAL A 542 8.43 27.88 -21.14
C VAL A 542 8.44 28.16 -19.65
N PRO A 543 7.59 29.06 -19.14
CA PRO A 543 7.44 29.16 -17.69
C PRO A 543 7.04 27.84 -17.07
N VAL A 544 7.82 27.42 -16.08
CA VAL A 544 7.50 26.20 -15.36
C VAL A 544 6.21 26.37 -14.58
N SER A 545 5.96 27.59 -14.10
CA SER A 545 4.71 27.93 -13.43
C SER A 545 3.50 27.62 -14.30
N SER A 546 3.67 27.64 -15.62
CA SER A 546 2.60 27.26 -16.54
C SER A 546 2.02 25.89 -16.24
N LEU A 547 2.85 24.94 -15.82
CA LEU A 547 2.70 23.51 -16.12
C LEU A 547 1.28 23.00 -16.21
N HIS A 548 0.42 23.46 -15.29
CA HIS A 548 -0.96 22.98 -15.22
C HIS A 548 -1.70 23.13 -16.55
N LEU A 549 -1.28 24.07 -17.39
CA LEU A 549 -1.91 24.35 -18.67
C LEU A 549 -1.38 23.47 -19.80
N ILE A 550 -0.73 22.36 -19.48
CA ILE A 550 -0.15 21.44 -20.46
C ILE A 550 -0.49 20.03 -20.04
N SER A 551 -0.55 19.13 -21.02
CA SER A 551 -0.85 17.72 -20.79
C SER A 551 0.10 16.83 -21.59
N ARG A 552 -0.01 15.55 -21.30
CA ARG A 552 0.81 14.52 -21.93
C ARG A 552 0.49 14.49 -23.42
N TYR A 553 1.22 13.65 -24.16
CA TYR A 553 0.97 13.49 -25.59
C TYR A 553 -0.50 13.24 -25.88
N ALA A 554 -1.15 12.48 -25.01
CA ALA A 554 -2.62 12.40 -24.97
C ALA A 554 -3.20 11.97 -26.32
N GLY A 555 -2.44 11.14 -27.03
CA GLY A 555 -2.86 10.68 -28.34
C GLY A 555 -2.03 9.52 -28.81
N GLY A 556 -2.30 9.09 -30.04
CA GLY A 556 -1.63 7.95 -30.60
C GLY A 556 -0.43 8.35 -31.42
N ALA A 557 0.56 7.49 -31.42
CA ALA A 557 1.89 7.80 -31.95
C ALA A 557 1.90 8.13 -33.43
N GLU A 558 0.85 7.91 -34.22
CA GLU A 558 0.93 8.12 -35.66
C GLU A 558 1.17 9.59 -35.99
N GLU A 559 0.17 10.43 -35.70
CA GLU A 559 0.28 11.85 -36.02
C GLU A 559 -0.41 12.75 -35.00
N ASN A 560 -0.73 12.26 -33.81
CA ASN A 560 -1.62 12.99 -32.91
C ASN A 560 -0.93 14.14 -32.16
N ALA A 561 0.30 14.48 -32.52
CA ALA A 561 0.92 15.75 -32.15
C ALA A 561 1.56 16.33 -33.39
N PRO A 562 0.76 16.66 -34.42
CA PRO A 562 1.35 17.02 -35.71
C PRO A 562 2.16 18.29 -35.64
N LEU A 563 1.54 19.41 -35.28
CA LEU A 563 2.24 20.67 -35.09
C LEU A 563 1.25 21.75 -34.70
N HIS A 564 1.79 22.92 -34.42
CA HIS A 564 1.05 24.18 -34.42
C HIS A 564 2.01 25.29 -34.82
N LYS A 565 1.48 26.29 -35.51
CA LYS A 565 2.30 27.34 -36.11
C LYS A 565 2.02 28.73 -35.54
N LEU A 566 0.78 29.22 -35.63
CA LEU A 566 0.52 30.66 -35.59
C LEU A 566 -0.71 31.00 -34.76
N GLY A 567 -0.81 30.43 -33.57
CA GLY A 567 -1.84 30.83 -32.65
C GLY A 567 -3.26 30.54 -33.11
N GLY A 568 -3.99 31.58 -33.53
CA GLY A 568 -5.36 31.38 -33.97
C GLY A 568 -5.43 30.46 -35.16
N ASP A 569 -5.88 29.24 -34.93
CA ASP A 569 -5.87 28.20 -35.94
C ASP A 569 -6.71 27.03 -35.44
N ALA A 570 -6.61 25.89 -36.13
CA ALA A 570 -7.29 24.67 -35.74
C ALA A 570 -7.01 24.28 -34.29
N TRP A 571 -5.83 24.63 -33.78
CA TRP A 571 -5.47 24.26 -32.40
C TRP A 571 -6.41 24.91 -31.40
N SER A 572 -7.05 26.01 -31.79
CA SER A 572 -8.05 26.64 -30.95
C SER A 572 -9.45 26.18 -31.33
N ARG A 573 -9.61 25.65 -32.54
CA ARG A 573 -10.85 24.94 -32.87
C ARG A 573 -10.91 23.60 -32.17
N ALA A 574 -9.83 23.20 -31.53
CA ALA A 574 -9.93 22.33 -30.38
C ALA A 574 -11.08 22.76 -29.48
N ARG A 575 -11.19 24.06 -29.21
CA ARG A 575 -12.30 24.55 -28.38
C ARG A 575 -13.63 24.39 -29.11
N GLN A 576 -13.62 24.53 -30.43
CA GLN A 576 -14.86 24.37 -31.18
C GLN A 576 -15.37 22.95 -31.04
N LYS A 577 -14.48 21.99 -31.11
CA LYS A 577 -14.90 20.61 -31.03
C LYS A 577 -15.14 20.21 -29.59
N ALA A 578 -14.52 20.90 -28.65
CA ALA A 578 -14.94 20.76 -27.27
C ALA A 578 -16.38 21.18 -27.13
N ALA A 579 -16.74 22.27 -27.81
CA ALA A 579 -18.12 22.74 -27.76
C ALA A 579 -19.06 21.75 -28.44
N GLU A 580 -18.59 21.08 -29.49
CA GLU A 580 -19.50 20.18 -30.20
C GLU A 580 -19.70 18.89 -29.42
N LYS A 581 -18.63 18.40 -28.78
CA LYS A 581 -18.81 17.33 -27.82
C LYS A 581 -19.80 17.76 -26.75
N VAL A 582 -19.55 18.95 -26.17
CA VAL A 582 -20.41 19.55 -25.17
C VAL A 582 -21.85 19.68 -25.64
N ARG A 583 -22.07 19.70 -26.95
CA ARG A 583 -23.43 19.63 -27.45
C ARG A 583 -23.91 18.19 -27.42
N ASP A 584 -23.29 17.35 -28.23
CA ASP A 584 -23.90 16.07 -28.58
C ASP A 584 -23.84 15.09 -27.41
N VAL A 585 -22.65 14.86 -26.88
CA VAL A 585 -22.51 13.82 -25.86
C VAL A 585 -23.00 14.33 -24.53
N ALA A 586 -23.01 15.65 -24.34
CA ALA A 586 -23.61 16.20 -23.14
C ALA A 586 -25.11 16.08 -23.19
N ALA A 587 -25.69 16.17 -24.39
CA ALA A 587 -27.11 15.89 -24.54
C ALA A 587 -27.39 14.43 -24.24
N GLU A 588 -26.49 13.55 -24.68
CA GLU A 588 -26.60 12.13 -24.33
C GLU A 588 -26.64 11.98 -22.81
N LEU A 589 -25.68 12.60 -22.13
CA LEU A 589 -25.66 12.58 -20.68
C LEU A 589 -26.92 13.19 -20.09
N LEU A 590 -27.44 14.21 -20.75
CA LEU A 590 -28.60 14.90 -20.22
C LEU A 590 -29.79 13.97 -20.16
N ASP A 591 -30.07 13.30 -21.27
CA ASP A 591 -31.14 12.30 -21.26
C ASP A 591 -30.81 11.18 -20.30
N ILE A 592 -29.53 10.83 -20.15
CA ILE A 592 -29.14 9.77 -19.24
C ILE A 592 -29.53 10.11 -17.81
N TYR A 593 -28.96 11.17 -17.27
CA TYR A 593 -29.25 11.50 -15.88
C TYR A 593 -30.63 12.13 -15.72
N ALA A 594 -31.36 12.32 -16.81
CA ALA A 594 -32.79 12.56 -16.74
C ALA A 594 -33.51 11.24 -16.44
N GLN A 595 -33.13 10.18 -17.15
CA GLN A 595 -33.90 8.94 -17.11
C GLN A 595 -33.27 7.94 -16.15
N ARG A 596 -31.96 7.77 -16.22
CA ARG A 596 -31.24 6.79 -15.42
C ARG A 596 -31.13 7.21 -13.97
N ALA A 597 -31.34 8.50 -13.67
CA ALA A 597 -31.11 9.00 -12.34
C ALA A 597 -32.20 8.58 -11.36
N ALA A 598 -33.47 8.78 -11.70
CA ALA A 598 -34.52 8.70 -10.71
C ALA A 598 -34.69 7.29 -10.15
N LYS A 599 -35.33 6.41 -10.92
CA LYS A 599 -35.52 4.98 -10.64
C LYS A 599 -35.69 4.66 -9.16
N GLU A 600 -36.79 5.09 -8.56
CA GLU A 600 -36.90 5.02 -7.12
C GLU A 600 -36.97 3.58 -6.64
N GLY A 601 -36.65 3.38 -5.36
CA GLY A 601 -36.55 2.09 -4.70
C GLY A 601 -37.42 2.01 -3.46
N PHE A 602 -36.80 1.67 -2.33
CA PHE A 602 -37.52 1.34 -1.10
C PHE A 602 -36.75 1.84 0.12
N ALA A 603 -37.38 1.70 1.28
CA ALA A 603 -36.77 2.04 2.56
C ALA A 603 -36.02 0.82 3.09
N PHE A 604 -34.84 1.06 3.65
CA PHE A 604 -33.90 0.01 4.04
C PHE A 604 -33.29 0.31 5.41
N LYS A 605 -34.16 0.49 6.41
CA LYS A 605 -33.77 0.70 7.80
C LYS A 605 -32.60 -0.19 8.21
N HIS A 606 -31.70 0.36 9.01
CA HIS A 606 -30.37 -0.25 9.15
C HIS A 606 -30.34 -1.38 10.16
N ASP A 607 -30.62 -1.08 11.42
CA ASP A 607 -30.30 -1.99 12.52
C ASP A 607 -28.83 -2.43 12.42
N ARG A 608 -27.97 -1.41 12.55
CA ARG A 608 -26.53 -1.59 12.42
C ARG A 608 -26.00 -2.66 13.34
N GLU A 609 -26.63 -2.82 14.50
CA GLU A 609 -26.13 -3.73 15.52
C GLU A 609 -25.99 -5.15 14.98
N GLN A 610 -27.02 -5.63 14.28
CA GLN A 610 -26.95 -6.97 13.74
C GLN A 610 -25.97 -7.01 12.57
N TYR A 611 -25.88 -5.93 11.81
CA TYR A 611 -24.92 -5.88 10.72
C TYR A 611 -23.53 -6.15 11.22
N GLN A 612 -23.06 -5.33 12.16
CA GLN A 612 -21.68 -5.48 12.55
C GLN A 612 -21.49 -6.63 13.53
N LEU A 613 -22.57 -7.10 14.16
CA LEU A 613 -22.53 -8.44 14.74
C LEU A 613 -22.09 -9.44 13.69
N PHE A 614 -22.62 -9.29 12.49
CA PHE A 614 -22.39 -10.25 11.43
C PHE A 614 -21.12 -9.94 10.65
N CYS A 615 -20.57 -8.73 10.83
CA CYS A 615 -19.46 -8.23 10.03
C CYS A 615 -18.18 -8.07 10.83
N ASP A 616 -18.22 -8.23 12.15
CA ASP A 616 -16.99 -8.26 12.94
C ASP A 616 -16.05 -9.36 12.47
N SER A 617 -16.60 -10.41 11.88
CA SER A 617 -15.87 -11.58 11.41
C SER A 617 -14.91 -11.28 10.27
N PHE A 618 -14.86 -10.06 9.74
CA PHE A 618 -14.03 -9.80 8.57
C PHE A 618 -12.56 -9.85 8.97
N PRO A 619 -11.82 -10.93 8.65
CA PRO A 619 -10.44 -11.01 9.13
C PRO A 619 -9.44 -10.37 8.16
N PHE A 620 -9.81 -9.25 7.59
CA PHE A 620 -8.89 -8.29 7.00
C PHE A 620 -9.29 -7.00 7.68
N GLU A 621 -8.69 -6.75 8.84
CA GLU A 621 -9.03 -5.58 9.63
C GLU A 621 -8.81 -4.36 8.74
N THR A 622 -9.92 -3.71 8.41
CA THR A 622 -10.10 -3.14 7.09
C THR A 622 -9.11 -2.03 6.80
N THR A 623 -8.82 -1.87 5.52
CA THR A 623 -8.41 -0.57 5.05
C THR A 623 -9.62 0.36 5.10
N PRO A 624 -9.52 1.52 5.73
CA PRO A 624 -10.70 2.40 5.80
C PRO A 624 -11.18 2.93 4.46
N ASP A 625 -10.39 2.82 3.40
CA ASP A 625 -10.96 3.14 2.09
C ASP A 625 -12.08 2.15 1.78
N GLN A 626 -11.90 0.89 2.15
CA GLN A 626 -12.99 -0.07 2.07
C GLN A 626 -14.19 0.44 2.84
N ALA A 627 -13.94 1.12 3.96
CA ALA A 627 -15.04 1.72 4.71
C ALA A 627 -15.72 2.80 3.89
N GLN A 628 -14.96 3.62 3.16
CA GLN A 628 -15.59 4.57 2.26
C GLN A 628 -16.50 3.84 1.29
N ALA A 629 -16.00 2.73 0.77
CA ALA A 629 -16.72 1.99 -0.25
C ALA A 629 -18.05 1.49 0.30
N ILE A 630 -17.98 0.77 1.42
CA ILE A 630 -19.20 0.19 1.99
C ILE A 630 -20.16 1.28 2.38
N ASN A 631 -19.67 2.37 2.98
CA ASN A 631 -20.56 3.37 3.53
C ASN A 631 -21.26 4.11 2.40
N ALA A 632 -20.54 4.38 1.32
CA ALA A 632 -21.15 5.03 0.18
C ALA A 632 -22.18 4.11 -0.45
N VAL A 633 -21.85 2.83 -0.61
CA VAL A 633 -22.76 1.96 -1.34
C VAL A 633 -23.99 1.68 -0.50
N LEU A 634 -23.82 1.51 0.81
CA LEU A 634 -24.97 1.29 1.66
C LEU A 634 -25.77 2.56 1.85
N SER A 635 -25.17 3.72 1.63
CA SER A 635 -25.96 4.93 1.61
C SER A 635 -26.81 4.99 0.36
N ASP A 636 -26.25 4.52 -0.77
CA ASP A 636 -27.08 4.33 -1.96
C ASP A 636 -28.21 3.33 -1.70
N MET A 637 -27.90 2.28 -0.95
CA MET A 637 -28.93 1.32 -0.60
C MET A 637 -30.00 2.00 0.23
N CYS A 638 -29.62 2.48 1.41
CA CYS A 638 -30.52 3.19 2.30
C CYS A 638 -31.14 4.40 1.62
N GLN A 639 -30.43 4.99 0.68
CA GLN A 639 -31.06 5.95 -0.21
C GLN A 639 -32.15 5.18 -0.97
N PRO A 640 -33.43 5.56 -0.87
CA PRO A 640 -34.46 4.79 -1.58
C PRO A 640 -34.54 5.02 -3.07
N LEU A 641 -33.52 5.63 -3.67
CA LEU A 641 -33.51 5.92 -5.09
C LEU A 641 -32.67 4.88 -5.83
N ALA A 642 -32.42 5.15 -7.10
CA ALA A 642 -31.73 4.24 -8.01
C ALA A 642 -30.45 3.68 -7.41
N MET A 643 -30.23 2.39 -7.64
CA MET A 643 -29.00 1.71 -7.31
C MET A 643 -28.02 1.82 -8.47
N ASP A 644 -26.82 2.28 -8.17
CA ASP A 644 -25.74 2.30 -9.14
C ASP A 644 -24.46 2.70 -8.43
N ARG A 645 -23.39 1.99 -8.75
CA ARG A 645 -22.06 2.32 -8.30
C ARG A 645 -21.08 1.50 -9.10
N LEU A 646 -20.10 2.17 -9.70
CA LEU A 646 -19.11 1.50 -10.53
C LEU A 646 -17.82 1.27 -9.76
N VAL A 647 -17.24 0.10 -9.93
CA VAL A 647 -16.06 -0.29 -9.17
C VAL A 647 -15.08 -0.99 -10.07
N CYS A 648 -13.79 -0.91 -9.72
CA CYS A 648 -12.76 -1.73 -10.32
C CYS A 648 -11.75 -2.11 -9.26
N GLY A 649 -11.38 -3.38 -9.25
CA GLY A 649 -10.40 -3.89 -8.31
C GLY A 649 -9.75 -5.11 -8.87
N ASP A 650 -9.59 -6.14 -8.04
CA ASP A 650 -9.00 -7.39 -8.43
C ASP A 650 -9.96 -8.53 -8.12
N VAL A 651 -9.83 -9.62 -8.89
CA VAL A 651 -10.26 -10.93 -8.41
C VAL A 651 -9.42 -11.34 -7.22
N GLY A 652 -8.25 -10.72 -7.06
CA GLY A 652 -7.57 -10.70 -5.80
C GLY A 652 -8.51 -10.48 -4.64
N PHE A 653 -8.51 -11.50 -3.79
CA PHE A 653 -9.21 -11.48 -2.52
C PHE A 653 -8.99 -10.17 -1.78
N GLY A 654 -9.97 -9.81 -1.01
CA GLY A 654 -10.12 -8.48 -0.46
C GLY A 654 -10.96 -7.62 -1.37
N LYS A 655 -10.67 -7.65 -2.66
CA LYS A 655 -11.29 -6.76 -3.63
C LYS A 655 -12.49 -7.38 -4.30
N THR A 656 -13.09 -8.38 -3.66
CA THR A 656 -14.05 -9.27 -4.28
C THR A 656 -15.29 -9.48 -3.44
N GLU A 657 -15.18 -9.34 -2.13
CA GLU A 657 -16.15 -9.88 -1.18
C GLU A 657 -16.96 -8.82 -0.49
N VAL A 658 -16.53 -7.57 -0.53
CA VAL A 658 -17.14 -6.55 0.29
C VAL A 658 -18.57 -6.32 -0.13
N ALA A 659 -18.88 -6.51 -1.41
CA ALA A 659 -20.24 -6.40 -1.89
C ALA A 659 -21.16 -7.39 -1.19
N MET A 660 -20.60 -8.50 -0.72
CA MET A 660 -21.38 -9.49 0.00
C MET A 660 -21.87 -9.00 1.34
N ARG A 661 -21.34 -7.87 1.82
CA ARG A 661 -21.92 -7.26 3.00
C ARG A 661 -23.35 -6.82 2.72
N ALA A 662 -23.62 -6.43 1.47
CA ALA A 662 -24.98 -6.14 1.05
C ALA A 662 -25.87 -7.38 1.08
N ALA A 663 -25.27 -8.56 1.14
CA ALA A 663 -26.05 -9.75 1.41
C ALA A 663 -26.85 -9.59 2.69
N PHE A 664 -26.24 -9.00 3.70
CA PHE A 664 -26.98 -8.64 4.90
C PHE A 664 -28.16 -7.75 4.55
N LEU A 665 -27.91 -6.77 3.70
CA LEU A 665 -28.98 -5.89 3.24
C LEU A 665 -29.97 -6.62 2.38
N ALA A 666 -29.58 -7.74 1.79
CA ALA A 666 -30.50 -8.60 1.06
C ALA A 666 -31.29 -9.50 1.98
N VAL A 667 -31.28 -9.26 3.30
CA VAL A 667 -32.07 -10.05 4.24
C VAL A 667 -33.28 -9.27 4.70
N ASP A 668 -33.04 -8.12 5.34
CA ASP A 668 -34.11 -7.35 5.96
C ASP A 668 -35.21 -7.02 4.97
N ASN A 669 -34.83 -6.62 3.77
CA ASN A 669 -35.79 -6.50 2.69
C ASN A 669 -36.45 -7.83 2.38
N HIS A 670 -35.71 -8.92 2.57
CA HIS A 670 -36.19 -10.27 2.27
C HIS A 670 -36.43 -10.43 0.77
N LYS A 671 -35.37 -10.20 -0.01
CA LYS A 671 -35.43 -10.21 -1.46
C LYS A 671 -34.25 -10.98 -2.03
N GLN A 672 -34.24 -11.10 -3.36
CA GLN A 672 -33.37 -12.01 -4.06
C GLN A 672 -32.14 -11.27 -4.58
N VAL A 673 -31.09 -12.01 -4.88
CA VAL A 673 -29.92 -11.50 -5.59
C VAL A 673 -29.33 -12.64 -6.41
N ALA A 674 -28.29 -12.34 -7.19
CA ALA A 674 -27.61 -13.37 -7.97
C ALA A 674 -26.32 -12.80 -8.55
N VAL A 675 -25.70 -13.59 -9.42
CA VAL A 675 -24.61 -13.16 -10.30
C VAL A 675 -24.54 -14.18 -11.42
N LEU A 676 -23.89 -13.79 -12.52
CA LEU A 676 -23.28 -14.77 -13.41
C LEU A 676 -21.78 -14.79 -13.11
N VAL A 677 -21.38 -15.67 -12.19
CA VAL A 677 -20.00 -16.12 -12.21
C VAL A 677 -19.87 -16.83 -13.55
N PRO A 678 -19.07 -16.35 -14.51
CA PRO A 678 -19.01 -17.01 -15.82
C PRO A 678 -18.60 -18.48 -15.79
N THR A 679 -18.10 -18.96 -14.66
CA THR A 679 -17.79 -20.36 -14.46
C THR A 679 -18.74 -20.95 -13.43
N THR A 680 -18.43 -22.18 -13.04
CA THR A 680 -19.02 -22.79 -11.86
C THR A 680 -17.99 -22.85 -10.72
N LEU A 681 -16.72 -22.64 -11.05
CA LEU A 681 -15.65 -22.90 -10.10
C LEU A 681 -15.60 -21.80 -9.06
N LEU A 682 -15.36 -20.57 -9.52
CA LEU A 682 -15.53 -19.40 -8.69
C LEU A 682 -16.93 -19.35 -8.11
N ALA A 683 -17.90 -19.93 -8.80
CA ALA A 683 -19.26 -19.93 -8.32
C ALA A 683 -19.38 -20.66 -6.99
N GLN A 684 -18.91 -21.90 -6.92
CA GLN A 684 -19.00 -22.60 -5.65
C GLN A 684 -17.97 -22.08 -4.66
N GLN A 685 -16.89 -21.49 -5.15
CA GLN A 685 -15.96 -20.83 -4.24
C GLN A 685 -16.68 -19.76 -3.46
N HIS A 686 -17.33 -18.86 -4.18
CA HIS A 686 -18.22 -17.86 -3.62
C HIS A 686 -19.19 -18.51 -2.66
N TYR A 687 -19.92 -19.51 -3.13
CA TYR A 687 -20.93 -20.21 -2.34
C TYR A 687 -20.38 -20.63 -0.99
N ASP A 688 -19.21 -21.23 -1.01
CA ASP A 688 -18.62 -21.79 0.19
C ASP A 688 -18.22 -20.69 1.15
N ASN A 689 -17.48 -19.70 0.66
CA ASN A 689 -17.05 -18.66 1.58
C ASN A 689 -18.24 -17.85 2.09
N PHE A 690 -19.31 -17.77 1.31
CA PHE A 690 -20.52 -17.13 1.78
C PHE A 690 -21.09 -17.89 2.95
N ARG A 691 -21.45 -19.14 2.71
CA ARG A 691 -22.13 -19.92 3.74
C ARG A 691 -21.25 -20.14 4.96
N ASP A 692 -19.94 -20.00 4.81
CA ASP A 692 -19.07 -19.95 5.98
C ASP A 692 -19.24 -18.62 6.70
N ARG A 693 -18.99 -17.51 6.00
CA ARG A 693 -19.16 -16.20 6.61
C ARG A 693 -20.59 -15.96 7.01
N PHE A 694 -21.54 -16.55 6.28
CA PHE A 694 -22.93 -16.13 6.34
C PHE A 694 -23.80 -17.26 6.85
N ALA A 695 -23.41 -17.86 7.97
CA ALA A 695 -23.80 -19.24 8.22
C ALA A 695 -25.07 -19.39 9.04
N ASN A 696 -25.05 -18.93 10.29
CA ASN A 696 -25.94 -19.48 11.32
C ASN A 696 -27.28 -18.73 11.43
N TRP A 697 -27.98 -18.57 10.32
CA TRP A 697 -29.26 -17.85 10.34
C TRP A 697 -29.91 -18.11 8.96
N PRO A 698 -31.15 -17.60 8.66
CA PRO A 698 -31.88 -18.19 7.53
C PRO A 698 -31.23 -17.87 6.20
N VAL A 699 -30.16 -18.60 5.93
CA VAL A 699 -29.36 -18.46 4.74
C VAL A 699 -29.65 -19.70 3.89
N ARG A 700 -30.06 -19.49 2.64
CA ARG A 700 -30.50 -20.58 1.77
C ARG A 700 -30.19 -20.22 0.32
N ILE A 701 -29.20 -20.89 -0.26
CA ILE A 701 -28.82 -20.69 -1.64
C ILE A 701 -28.54 -22.05 -2.27
N GLU A 702 -28.95 -22.17 -3.52
CA GLU A 702 -28.29 -23.06 -4.45
C GLU A 702 -28.06 -22.25 -5.71
N MET A 703 -27.61 -22.91 -6.75
CA MET A 703 -26.86 -22.27 -7.81
C MET A 703 -27.31 -22.82 -9.15
N ILE A 704 -26.55 -22.49 -10.19
CA ILE A 704 -26.48 -23.32 -11.38
C ILE A 704 -25.02 -23.56 -11.68
N SER A 705 -24.74 -24.74 -12.19
CA SER A 705 -23.43 -25.35 -12.28
C SER A 705 -23.18 -25.72 -13.74
N ARG A 706 -22.18 -26.55 -13.95
CA ARG A 706 -22.19 -27.40 -15.11
C ARG A 706 -22.77 -28.77 -14.81
N PHE A 707 -23.12 -29.02 -13.55
CA PHE A 707 -23.86 -30.20 -13.13
C PHE A 707 -25.36 -30.04 -13.33
N ARG A 708 -25.80 -29.09 -14.16
CA ARG A 708 -27.21 -28.75 -14.23
C ARG A 708 -28.01 -29.87 -14.89
N SER A 709 -28.20 -30.96 -14.20
CA SER A 709 -29.09 -31.98 -14.71
C SER A 709 -30.52 -31.45 -14.74
N ALA A 710 -31.38 -32.22 -15.39
CA ALA A 710 -32.81 -32.01 -15.25
C ALA A 710 -33.22 -32.05 -13.78
N LYS A 711 -32.49 -32.81 -12.96
CA LYS A 711 -32.81 -32.88 -11.54
C LYS A 711 -32.37 -31.59 -10.85
N GLU A 712 -31.16 -31.13 -11.17
CA GLU A 712 -30.75 -29.79 -10.78
C GLU A 712 -31.78 -28.78 -11.22
N GLN A 713 -32.11 -28.79 -12.51
CA GLN A 713 -33.08 -27.85 -13.07
C GLN A 713 -34.40 -27.89 -12.33
N THR A 714 -34.80 -29.07 -11.85
CA THR A 714 -35.98 -29.15 -11.02
C THR A 714 -35.77 -28.43 -9.71
N GLN A 715 -34.57 -28.54 -9.14
CA GLN A 715 -34.30 -27.78 -7.93
C GLN A 715 -34.25 -26.30 -8.21
N ILE A 716 -33.84 -25.95 -9.42
CA ILE A 716 -33.80 -24.56 -9.82
C ILE A 716 -35.21 -24.01 -9.84
N LEU A 717 -36.12 -24.75 -10.46
CA LEU A 717 -37.52 -24.40 -10.37
C LEU A 717 -37.94 -24.29 -8.93
N ALA A 718 -37.52 -25.25 -8.11
CA ALA A 718 -37.98 -25.34 -6.73
C ALA A 718 -37.64 -24.06 -5.98
N GLU A 719 -36.43 -23.58 -6.18
CA GLU A 719 -35.98 -22.39 -5.45
C GLU A 719 -36.52 -21.11 -6.08
N VAL A 720 -36.50 -21.02 -7.40
CA VAL A 720 -36.88 -19.76 -8.04
C VAL A 720 -38.36 -19.53 -7.93
N ALA A 721 -39.15 -20.60 -7.93
CA ALA A 721 -40.58 -20.52 -7.71
C ALA A 721 -40.93 -20.62 -6.24
N GLU A 722 -39.98 -20.99 -5.39
CA GLU A 722 -40.13 -20.80 -3.96
C GLU A 722 -39.93 -19.35 -3.60
N GLY A 723 -38.78 -18.78 -3.95
CA GLY A 723 -38.52 -17.38 -3.74
C GLY A 723 -38.00 -17.08 -2.35
N LYS A 724 -38.39 -17.91 -1.39
CA LYS A 724 -37.70 -17.98 -0.12
C LYS A 724 -36.20 -18.05 -0.32
N ILE A 725 -35.76 -18.86 -1.29
CA ILE A 725 -34.34 -19.12 -1.44
C ILE A 725 -33.64 -17.85 -1.87
N ASP A 726 -32.42 -17.67 -1.36
CA ASP A 726 -31.76 -16.37 -1.36
C ASP A 726 -31.19 -15.99 -2.72
N ILE A 727 -30.29 -16.82 -3.27
CA ILE A 727 -29.44 -16.42 -4.37
C ILE A 727 -29.41 -17.53 -5.41
N LEU A 728 -29.01 -17.17 -6.63
CA LEU A 728 -28.57 -18.10 -7.64
C LEU A 728 -27.27 -17.59 -8.21
N ILE A 729 -26.50 -18.51 -8.76
CA ILE A 729 -25.17 -18.22 -9.29
C ILE A 729 -25.05 -18.91 -10.65
N GLY A 730 -24.64 -18.12 -11.64
CA GLY A 730 -24.88 -18.41 -13.03
C GLY A 730 -23.93 -19.41 -13.67
N THR A 731 -24.02 -19.48 -14.99
CA THR A 731 -23.33 -20.42 -15.84
C THR A 731 -23.28 -19.78 -17.23
N HIS A 732 -22.38 -20.29 -18.09
CA HIS A 732 -22.29 -19.86 -19.49
C HIS A 732 -23.67 -19.76 -20.15
N LYS A 733 -24.54 -20.74 -19.86
CA LYS A 733 -25.88 -20.82 -20.44
C LYS A 733 -26.97 -20.36 -19.48
N LEU A 734 -26.69 -19.39 -18.62
CA LEU A 734 -27.67 -18.93 -17.64
C LEU A 734 -28.84 -18.18 -18.28
N LEU A 735 -28.53 -17.16 -19.08
CA LEU A 735 -29.28 -15.91 -19.02
C LEU A 735 -30.64 -15.95 -19.69
N GLN A 736 -30.67 -16.23 -20.99
CA GLN A 736 -31.91 -16.02 -21.72
C GLN A 736 -32.94 -17.07 -21.35
N SER A 737 -32.55 -18.09 -20.59
CA SER A 737 -33.47 -18.87 -19.80
C SER A 737 -34.39 -17.93 -19.06
N ASP A 738 -35.67 -18.26 -18.94
CA ASP A 738 -36.55 -17.37 -18.21
C ASP A 738 -36.16 -17.42 -16.74
N VAL A 739 -35.33 -16.47 -16.34
CA VAL A 739 -34.77 -16.43 -15.00
C VAL A 739 -35.78 -15.76 -14.09
N LYS A 740 -36.13 -16.44 -13.01
CA LYS A 740 -37.36 -16.19 -12.27
C LYS A 740 -37.05 -15.42 -10.98
N PHE A 741 -37.88 -14.44 -10.67
CA PHE A 741 -37.74 -13.62 -9.46
C PHE A 741 -39.11 -13.19 -8.96
N LYS A 742 -39.28 -13.26 -7.65
CA LYS A 742 -40.44 -12.66 -7.00
C LYS A 742 -40.05 -11.34 -6.37
N ASP A 743 -38.95 -11.34 -5.64
CA ASP A 743 -38.54 -10.23 -4.80
C ASP A 743 -37.04 -10.11 -4.98
N LEU A 744 -36.62 -9.24 -5.88
CA LEU A 744 -35.21 -9.09 -6.23
C LEU A 744 -34.67 -7.77 -5.73
N GLY A 745 -33.84 -7.84 -4.71
CA GLY A 745 -33.08 -6.69 -4.28
C GLY A 745 -32.21 -6.14 -5.39
N LEU A 746 -31.19 -6.87 -5.79
CA LEU A 746 -30.15 -6.30 -6.65
C LEU A 746 -29.26 -7.43 -7.17
N LEU A 747 -28.14 -7.04 -7.79
CA LEU A 747 -27.24 -8.00 -8.41
C LEU A 747 -25.88 -7.35 -8.66
N ILE A 748 -24.85 -8.18 -8.76
CA ILE A 748 -23.50 -7.75 -9.12
C ILE A 748 -22.95 -8.80 -10.09
N VAL A 749 -22.05 -8.39 -10.98
CA VAL A 749 -21.43 -9.32 -11.92
C VAL A 749 -20.28 -8.60 -12.61
N ASP A 750 -19.40 -9.37 -13.26
CA ASP A 750 -18.19 -8.82 -13.88
C ASP A 750 -17.72 -9.69 -15.05
N GLU A 751 -16.97 -9.07 -15.98
CA GLU A 751 -16.32 -9.66 -17.16
C GLU A 751 -17.18 -10.20 -18.32
N GLU A 752 -17.87 -9.32 -19.04
CA GLU A 752 -18.57 -9.67 -20.26
C GLU A 752 -17.69 -9.54 -21.51
N HIS A 753 -16.38 -9.70 -21.38
CA HIS A 753 -15.47 -8.99 -22.28
C HIS A 753 -15.56 -9.44 -23.74
N ARG A 754 -15.23 -10.69 -24.05
CA ARG A 754 -15.15 -11.08 -25.45
C ARG A 754 -16.53 -11.23 -26.12
N PHE A 755 -17.60 -11.35 -25.34
CA PHE A 755 -18.93 -11.46 -25.88
C PHE A 755 -19.50 -10.06 -26.09
N GLY A 756 -20.59 -9.97 -26.83
CA GLY A 756 -21.30 -8.73 -26.99
C GLY A 756 -21.84 -8.17 -25.68
N VAL A 757 -22.34 -6.92 -25.71
CA VAL A 757 -23.17 -6.36 -24.65
C VAL A 757 -24.63 -6.75 -24.86
N ARG A 758 -24.83 -7.69 -25.79
CA ARG A 758 -26.04 -8.51 -25.87
C ARG A 758 -26.59 -8.81 -24.48
N HIS A 759 -25.75 -9.32 -23.59
CA HIS A 759 -26.27 -9.70 -22.30
C HIS A 759 -26.50 -8.48 -21.42
N LYS A 760 -25.83 -7.37 -21.71
CA LYS A 760 -26.04 -6.14 -20.95
C LYS A 760 -27.41 -5.55 -21.27
N GLU A 761 -27.73 -5.44 -22.54
CA GLU A 761 -29.07 -5.02 -22.88
C GLU A 761 -30.11 -6.04 -22.46
N ARG A 762 -29.76 -7.33 -22.42
CA ARG A 762 -30.73 -8.31 -22.02
C ARG A 762 -31.04 -8.22 -20.53
N ILE A 763 -30.03 -7.88 -19.72
CA ILE A 763 -30.34 -7.61 -18.33
C ILE A 763 -31.05 -6.27 -18.21
N LYS A 764 -30.81 -5.36 -19.16
CA LYS A 764 -31.69 -4.21 -19.28
C LYS A 764 -33.14 -4.64 -19.44
N ALA A 765 -33.37 -5.82 -20.02
CA ALA A 765 -34.70 -6.40 -20.05
C ALA A 765 -35.12 -7.06 -18.73
N MET A 766 -34.22 -7.17 -17.76
CA MET A 766 -34.44 -7.96 -16.55
C MET A 766 -34.60 -7.10 -15.32
N ARG A 767 -35.19 -5.92 -15.47
CA ARG A 767 -35.20 -4.89 -14.44
C ARG A 767 -36.60 -4.34 -14.24
N ALA A 768 -37.56 -5.24 -14.11
CA ALA A 768 -38.98 -4.87 -14.03
C ALA A 768 -39.25 -4.15 -12.73
N ASN A 769 -39.32 -2.82 -12.78
CA ASN A 769 -39.57 -1.98 -11.61
C ASN A 769 -38.53 -2.18 -10.54
N VAL A 770 -37.33 -2.56 -10.94
CA VAL A 770 -36.23 -2.88 -10.05
C VAL A 770 -34.94 -2.44 -10.72
N ASP A 771 -33.84 -2.47 -9.96
CA ASP A 771 -32.62 -1.79 -10.35
C ASP A 771 -31.42 -2.73 -10.23
N ILE A 772 -30.19 -2.21 -10.32
CA ILE A 772 -28.98 -3.01 -10.44
C ILE A 772 -27.86 -2.32 -9.68
N LEU A 773 -26.79 -3.07 -9.43
CA LEU A 773 -25.58 -2.45 -8.87
C LEU A 773 -24.39 -3.34 -9.22
N THR A 774 -23.72 -3.03 -10.33
CA THR A 774 -22.70 -3.88 -10.92
C THR A 774 -21.37 -3.13 -11.07
N LEU A 775 -20.44 -3.78 -11.75
CA LEU A 775 -19.08 -3.28 -11.90
C LEU A 775 -18.31 -4.22 -12.82
N THR A 776 -17.05 -3.88 -13.07
CA THR A 776 -16.06 -4.84 -13.57
C THR A 776 -14.71 -4.48 -13.00
N ALA A 777 -13.87 -5.48 -12.77
CA ALA A 777 -12.55 -5.23 -12.24
C ALA A 777 -11.65 -4.58 -13.29
N THR A 778 -11.81 -4.97 -14.55
CA THR A 778 -10.98 -4.50 -15.65
C THR A 778 -11.91 -4.09 -16.79
N PRO A 779 -12.56 -2.95 -16.68
CA PRO A 779 -13.43 -2.50 -17.77
C PRO A 779 -12.66 -2.13 -19.03
N ILE A 780 -13.38 -1.61 -20.02
CA ILE A 780 -12.79 -1.19 -21.28
C ILE A 780 -12.31 0.23 -21.08
N PRO A 781 -11.80 0.88 -22.13
CA PRO A 781 -11.80 2.34 -22.17
C PRO A 781 -13.01 2.96 -21.50
N ARG A 782 -12.77 3.91 -20.60
CA ARG A 782 -13.82 4.43 -19.74
C ARG A 782 -14.84 5.28 -20.47
N THR A 783 -14.81 5.36 -21.79
CA THR A 783 -15.81 6.10 -22.55
C THR A 783 -17.22 5.75 -22.07
N LEU A 784 -17.52 4.44 -21.96
CA LEU A 784 -18.77 4.03 -21.35
C LEU A 784 -18.74 4.24 -19.83
N ASN A 785 -17.61 3.99 -19.19
CA ASN A 785 -17.52 4.23 -17.77
C ASN A 785 -17.45 5.72 -17.43
N MET A 786 -17.21 6.57 -18.42
CA MET A 786 -17.23 8.01 -18.21
C MET A 786 -18.61 8.54 -18.49
N ALA A 787 -19.37 7.83 -19.34
CA ALA A 787 -20.82 7.93 -19.24
C ALA A 787 -21.27 7.62 -17.84
N MET A 788 -20.69 6.58 -17.23
CA MET A 788 -21.03 6.29 -15.85
C MET A 788 -20.55 7.41 -14.93
N SER A 789 -19.52 8.14 -15.31
CA SER A 789 -19.33 9.45 -14.70
C SER A 789 -20.39 10.39 -15.26
N GLY A 790 -21.65 10.16 -14.87
CA GLY A 790 -22.80 10.75 -15.51
C GLY A 790 -23.98 9.81 -15.61
N MET A 791 -23.73 8.49 -15.52
CA MET A 791 -24.76 7.45 -15.55
C MET A 791 -24.74 6.57 -14.32
N ARG A 792 -23.57 6.35 -13.71
CA ARG A 792 -23.41 5.47 -12.55
C ARG A 792 -22.18 5.93 -11.78
N ASP A 793 -22.38 6.46 -10.57
CA ASP A 793 -21.27 6.90 -9.75
C ASP A 793 -20.30 5.75 -9.51
N LEU A 794 -19.15 6.06 -8.92
CA LEU A 794 -18.04 5.11 -8.86
C LEU A 794 -17.50 4.97 -7.45
N SER A 795 -17.18 3.72 -7.09
CA SER A 795 -16.58 3.33 -5.83
C SER A 795 -15.35 2.47 -6.11
N ILE A 796 -14.40 3.02 -6.87
CA ILE A 796 -13.27 2.28 -7.43
C ILE A 796 -12.09 2.40 -6.47
N ILE A 797 -12.41 2.49 -5.17
CA ILE A 797 -11.46 2.46 -4.06
C ILE A 797 -10.40 1.37 -4.11
N ALA A 798 -10.66 0.26 -4.83
CA ALA A 798 -10.16 -1.08 -4.50
C ALA A 798 -8.75 -1.09 -3.95
N THR A 799 -8.65 -1.53 -2.69
CA THR A 799 -7.57 -1.30 -1.75
C THR A 799 -6.20 -1.57 -2.36
N PRO A 800 -5.42 -0.53 -2.66
CA PRO A 800 -3.99 -0.75 -2.85
C PRO A 800 -3.35 -1.42 -1.64
N PRO A 801 -3.60 -0.93 -0.40
CA PRO A 801 -2.86 -1.47 0.75
C PRO A 801 -3.33 -2.84 1.26
N ALA A 802 -2.79 -3.18 2.44
CA ALA A 802 -3.22 -4.24 3.33
C ALA A 802 -2.71 -5.63 2.97
N ARG A 803 -2.16 -5.79 1.77
CA ARG A 803 -1.19 -6.86 1.57
C ARG A 803 -0.19 -6.47 0.50
N ARG A 804 0.29 -5.24 0.52
CA ARG A 804 1.24 -4.80 -0.49
C ARG A 804 2.54 -5.55 -0.29
N LEU A 805 2.77 -6.56 -1.12
CA LEU A 805 3.83 -7.52 -0.93
C LEU A 805 4.61 -7.66 -2.24
N ALA A 806 5.74 -8.36 -2.16
CA ALA A 806 6.63 -8.45 -3.31
C ALA A 806 6.00 -9.25 -4.44
N VAL A 807 6.14 -8.73 -5.65
CA VAL A 807 5.46 -9.23 -6.84
C VAL A 807 6.48 -9.24 -7.97
N LYS A 808 6.97 -10.42 -8.31
CA LYS A 808 8.19 -10.55 -9.11
C LYS A 808 7.81 -11.14 -10.46
N THR A 809 7.66 -10.26 -11.43
CA THR A 809 6.96 -10.57 -12.68
C THR A 809 7.85 -10.17 -13.84
N PHE A 810 8.31 -11.16 -14.60
CA PHE A 810 9.34 -10.96 -15.59
C PHE A 810 8.97 -11.78 -16.82
N VAL A 811 9.92 -11.90 -17.74
CA VAL A 811 9.68 -12.61 -18.99
C VAL A 811 11.02 -13.03 -19.56
N ARG A 812 11.07 -14.28 -20.04
CA ARG A 812 12.29 -14.82 -20.61
C ARG A 812 11.90 -15.83 -21.68
N GLU A 813 12.93 -16.35 -22.35
CA GLU A 813 12.75 -17.16 -23.53
C GLU A 813 12.32 -18.57 -23.15
N TYR A 814 11.80 -19.30 -24.14
CA TYR A 814 11.60 -20.74 -24.04
C TYR A 814 12.83 -21.42 -23.47
N ASP A 815 12.62 -22.19 -22.41
CA ASP A 815 13.65 -23.10 -21.92
C ASP A 815 13.08 -23.99 -20.84
N SER A 816 13.45 -25.27 -20.89
CA SER A 816 13.14 -26.17 -19.80
C SER A 816 13.69 -25.66 -18.48
N MET A 817 15.00 -25.43 -18.43
CA MET A 817 15.69 -25.23 -17.17
C MET A 817 15.23 -23.97 -16.46
N VAL A 818 14.86 -22.94 -17.21
CA VAL A 818 14.47 -21.70 -16.57
C VAL A 818 13.10 -21.88 -15.92
N VAL A 819 12.22 -22.59 -16.61
CA VAL A 819 10.92 -22.91 -16.05
C VAL A 819 11.12 -23.71 -14.78
N ARG A 820 11.85 -24.81 -14.91
CA ARG A 820 12.27 -25.63 -13.78
C ARG A 820 12.81 -24.81 -12.62
N GLU A 821 13.58 -23.77 -12.94
CA GLU A 821 14.08 -22.90 -11.88
C GLU A 821 12.93 -22.23 -11.17
N ALA A 822 11.98 -21.70 -11.93
CA ALA A 822 10.79 -21.11 -11.34
C ALA A 822 10.08 -22.12 -10.45
N ILE A 823 10.03 -23.36 -10.90
CA ILE A 823 9.38 -24.42 -10.14
C ILE A 823 10.07 -24.58 -8.82
N LEU A 824 11.38 -24.72 -8.89
CA LEU A 824 12.20 -24.94 -7.73
C LEU A 824 12.24 -23.72 -6.84
N ARG A 825 11.72 -22.58 -7.31
CA ARG A 825 11.39 -21.49 -6.40
C ARG A 825 10.10 -21.78 -5.65
N GLU A 826 9.07 -22.21 -6.37
CA GLU A 826 7.75 -22.26 -5.74
C GLU A 826 7.49 -23.56 -4.96
N ILE A 827 8.02 -24.68 -5.40
CA ILE A 827 7.68 -25.97 -4.79
C ILE A 827 8.19 -26.13 -3.36
N LEU A 828 8.92 -25.16 -2.83
CA LEU A 828 9.67 -25.38 -1.60
C LEU A 828 8.77 -25.32 -0.38
N ARG A 829 7.58 -24.77 -0.53
CA ARG A 829 6.52 -24.95 0.45
C ARG A 829 5.26 -25.51 -0.17
N GLY A 830 5.34 -25.99 -1.40
CA GLY A 830 4.15 -26.27 -2.17
C GLY A 830 3.55 -25.03 -2.77
N GLY A 831 4.37 -24.17 -3.37
CA GLY A 831 3.88 -23.00 -4.06
C GLY A 831 3.10 -23.36 -5.31
N GLN A 832 3.01 -22.44 -6.26
CA GLN A 832 2.21 -22.77 -7.43
C GLN A 832 2.49 -21.80 -8.56
N VAL A 833 2.54 -22.34 -9.78
CA VAL A 833 2.40 -21.53 -10.99
C VAL A 833 1.20 -22.08 -11.73
N TYR A 834 0.87 -21.45 -12.85
CA TYR A 834 -0.12 -21.99 -13.76
C TYR A 834 0.41 -21.81 -15.18
N TYR A 835 -0.06 -22.68 -16.06
CA TYR A 835 0.56 -22.99 -17.34
C TYR A 835 -0.60 -23.18 -18.30
N LEU A 836 -0.35 -22.95 -19.59
CA LEU A 836 -1.43 -22.87 -20.55
C LEU A 836 -1.22 -23.83 -21.72
N TYR A 837 -2.31 -23.99 -22.47
CA TYR A 837 -2.40 -24.81 -23.66
C TYR A 837 -3.72 -24.45 -24.33
N ASN A 838 -3.81 -24.77 -25.62
CA ASN A 838 -5.04 -24.54 -26.38
C ASN A 838 -6.24 -25.33 -25.87
N ASP A 839 -6.02 -26.37 -25.07
CA ASP A 839 -7.08 -27.29 -24.66
C ASP A 839 -7.65 -28.04 -25.86
N VAL A 840 -6.84 -28.22 -26.90
CA VAL A 840 -7.26 -28.85 -28.15
C VAL A 840 -6.26 -29.94 -28.53
N GLU A 841 -4.99 -29.54 -28.65
CA GLU A 841 -3.93 -30.46 -29.04
C GLU A 841 -3.55 -31.29 -27.81
N ASN A 842 -2.42 -31.99 -27.87
CA ASN A 842 -2.08 -32.92 -26.79
C ASN A 842 -1.65 -32.11 -25.57
N ILE A 843 -2.66 -31.68 -24.81
CA ILE A 843 -2.43 -31.08 -23.51
C ILE A 843 -1.74 -32.08 -22.60
N GLN A 844 -2.12 -33.34 -22.72
CA GLN A 844 -1.55 -34.38 -21.89
C GLN A 844 -0.06 -34.47 -22.10
N LYS A 845 0.42 -34.25 -23.33
CA LYS A 845 1.85 -34.36 -23.53
C LYS A 845 2.56 -33.14 -23.01
N ALA A 846 1.89 -32.00 -23.00
CA ALA A 846 2.37 -30.89 -22.20
C ALA A 846 2.59 -31.34 -20.77
N ALA A 847 1.56 -31.95 -20.19
CA ALA A 847 1.66 -32.46 -18.82
C ALA A 847 2.77 -33.50 -18.71
N GLU A 848 2.96 -34.27 -19.76
CA GLU A 848 3.95 -35.32 -19.76
C GLU A 848 5.34 -34.72 -19.67
N ARG A 849 5.61 -33.76 -20.55
CA ARG A 849 6.89 -33.06 -20.53
C ARG A 849 7.11 -32.40 -19.18
N LEU A 850 6.05 -31.84 -18.63
CA LEU A 850 6.20 -31.08 -17.39
C LEU A 850 6.51 -32.00 -16.24
N ALA A 851 5.64 -32.98 -16.01
CA ALA A 851 5.87 -34.03 -15.03
C ALA A 851 7.20 -34.71 -15.24
N GLU A 852 7.65 -34.80 -16.49
CA GLU A 852 8.94 -35.42 -16.79
C GLU A 852 10.06 -34.58 -16.26
N LEU A 853 10.06 -33.29 -16.58
CA LEU A 853 11.12 -32.42 -16.12
C LEU A 853 11.10 -32.29 -14.61
N VAL A 854 9.95 -32.46 -13.99
CA VAL A 854 9.82 -32.50 -12.55
C VAL A 854 9.44 -33.92 -12.17
N PRO A 855 10.37 -34.87 -12.20
CA PRO A 855 10.01 -36.25 -11.89
C PRO A 855 9.56 -36.49 -10.45
N GLU A 856 9.67 -35.48 -9.59
CA GLU A 856 9.49 -35.64 -8.16
C GLU A 856 8.14 -35.16 -7.66
N ALA A 857 7.52 -34.21 -8.35
CA ALA A 857 6.34 -33.52 -7.86
C ALA A 857 5.07 -34.15 -8.43
N ARG A 858 3.94 -33.49 -8.17
CA ARG A 858 2.62 -33.96 -8.60
C ARG A 858 1.92 -32.83 -9.33
N ILE A 859 2.13 -32.76 -10.63
CA ILE A 859 1.29 -31.94 -11.50
C ILE A 859 0.05 -32.74 -11.86
N ALA A 860 -1.09 -32.08 -11.81
CA ALA A 860 -2.38 -32.73 -11.94
C ALA A 860 -2.93 -32.59 -13.35
N ILE A 861 -4.21 -32.93 -13.51
CA ILE A 861 -4.90 -32.90 -14.78
C ILE A 861 -5.66 -31.58 -14.84
N GLY A 862 -5.06 -30.59 -15.49
CA GLY A 862 -5.64 -29.26 -15.56
C GLY A 862 -6.36 -29.05 -16.87
N HIS A 863 -7.05 -30.08 -17.33
CA HIS A 863 -7.61 -30.14 -18.67
C HIS A 863 -9.01 -29.55 -18.64
N GLY A 864 -9.19 -28.43 -19.35
CA GLY A 864 -10.51 -27.89 -19.53
C GLY A 864 -11.36 -28.76 -20.43
N GLN A 865 -12.66 -28.50 -20.40
CA GLN A 865 -13.65 -29.18 -21.24
C GLN A 865 -13.82 -30.65 -20.88
N MET A 866 -13.27 -31.10 -19.75
CA MET A 866 -13.54 -32.42 -19.23
C MET A 866 -14.73 -32.32 -18.28
N ARG A 867 -14.97 -33.35 -17.47
CA ARG A 867 -16.12 -33.33 -16.59
C ARG A 867 -15.98 -32.30 -15.50
N GLU A 868 -16.98 -31.44 -15.41
CA GLU A 868 -17.30 -30.64 -14.23
C GLU A 868 -17.11 -31.44 -12.94
N ARG A 869 -17.48 -32.71 -13.01
CA ARG A 869 -17.14 -33.65 -11.94
C ARG A 869 -15.64 -33.68 -11.70
N GLU A 870 -14.88 -33.87 -12.76
CA GLU A 870 -13.44 -33.99 -12.62
C GLU A 870 -12.82 -32.68 -12.20
N LEU A 871 -13.29 -31.58 -12.77
CA LEU A 871 -12.76 -30.29 -12.34
C LEU A 871 -13.15 -29.99 -10.91
N GLU A 872 -14.28 -30.52 -10.44
CA GLU A 872 -14.64 -30.31 -9.05
C GLU A 872 -13.68 -31.05 -8.14
N ARG A 873 -13.34 -32.28 -8.52
CA ARG A 873 -12.28 -32.98 -7.80
C ARG A 873 -10.97 -32.22 -7.85
N VAL A 874 -10.71 -31.58 -8.98
CA VAL A 874 -9.50 -30.81 -9.14
C VAL A 874 -9.51 -29.63 -8.17
N MET A 875 -10.67 -29.01 -8.01
CA MET A 875 -10.79 -27.90 -7.08
C MET A 875 -10.63 -28.38 -5.65
N ASN A 876 -11.07 -29.59 -5.36
CA ASN A 876 -10.79 -30.15 -4.05
C ASN A 876 -9.29 -30.26 -3.84
N ASP A 877 -8.59 -30.81 -4.81
CA ASP A 877 -7.14 -30.84 -4.69
C ASP A 877 -6.55 -29.44 -4.59
N PHE A 878 -7.17 -28.44 -5.19
CA PHE A 878 -6.69 -27.09 -4.98
C PHE A 878 -6.90 -26.67 -3.53
N HIS A 879 -7.98 -27.13 -2.92
CA HIS A 879 -8.17 -26.89 -1.50
C HIS A 879 -7.12 -27.64 -0.68
N HIS A 880 -6.63 -28.76 -1.20
CA HIS A 880 -5.80 -29.69 -0.45
C HIS A 880 -4.39 -29.80 -0.99
N GLN A 881 -4.27 -30.01 -2.30
CA GLN A 881 -3.00 -30.13 -3.01
C GLN A 881 -2.34 -31.46 -2.67
N ARG A 882 -3.17 -32.49 -2.69
CA ARG A 882 -2.69 -33.84 -2.97
C ARG A 882 -1.68 -33.77 -4.09
N PHE A 883 -2.08 -33.17 -5.20
CA PHE A 883 -1.15 -32.71 -6.22
C PHE A 883 -0.58 -31.38 -5.73
N ASN A 884 0.70 -31.40 -5.39
CA ASN A 884 1.38 -30.17 -5.03
C ASN A 884 1.38 -29.15 -6.16
N VAL A 885 1.14 -29.56 -7.40
CA VAL A 885 1.15 -28.66 -8.54
C VAL A 885 -0.07 -28.93 -9.41
N LEU A 886 -0.58 -27.86 -10.01
CA LEU A 886 -1.46 -27.95 -11.17
C LEU A 886 -1.54 -26.58 -11.84
N VAL A 887 -1.91 -26.62 -13.12
CA VAL A 887 -1.91 -25.49 -14.03
C VAL A 887 -3.27 -25.33 -14.71
N CYS A 888 -3.48 -24.19 -15.38
CA CYS A 888 -4.77 -23.83 -15.97
C CYS A 888 -4.59 -22.82 -17.10
N THR A 889 -5.45 -22.89 -18.12
CA THR A 889 -5.11 -22.32 -19.43
C THR A 889 -5.95 -21.18 -19.97
N THR A 890 -7.21 -21.46 -20.35
CA THR A 890 -7.98 -20.61 -21.26
C THR A 890 -9.29 -20.15 -20.61
N ILE A 891 -10.15 -19.58 -21.47
CA ILE A 891 -11.45 -19.00 -21.08
C ILE A 891 -12.22 -19.90 -20.14
N ILE A 892 -12.34 -21.20 -20.47
CA ILE A 892 -13.15 -22.06 -19.64
C ILE A 892 -12.35 -22.60 -18.45
N GLU A 893 -11.12 -22.10 -18.23
CA GLU A 893 -10.24 -22.59 -17.17
C GLU A 893 -9.92 -21.56 -16.11
N THR A 894 -9.59 -20.34 -16.50
CA THR A 894 -8.79 -19.43 -15.68
C THR A 894 -9.68 -18.32 -15.14
N GLY A 895 -9.90 -18.29 -13.82
CA GLY A 895 -10.84 -17.35 -13.20
C GLY A 895 -10.42 -16.54 -11.99
N ILE A 896 -9.41 -16.97 -11.22
CA ILE A 896 -9.25 -16.52 -9.84
C ILE A 896 -7.83 -16.79 -9.37
N ASP A 897 -7.37 -15.97 -8.41
CA ASP A 897 -6.11 -16.16 -7.69
C ASP A 897 -6.37 -16.88 -6.37
N ILE A 898 -5.37 -17.66 -5.94
CA ILE A 898 -5.48 -18.52 -4.76
C ILE A 898 -4.53 -17.99 -3.68
N PRO A 899 -4.85 -18.14 -2.38
CA PRO A 899 -3.87 -17.76 -1.36
C PRO A 899 -2.59 -18.55 -1.43
N THR A 900 -2.70 -19.87 -1.47
CA THR A 900 -1.53 -20.73 -1.34
C THR A 900 -0.62 -20.62 -2.56
N ALA A 901 -1.14 -20.15 -3.68
CA ALA A 901 -0.34 -19.97 -4.88
C ALA A 901 0.52 -18.73 -4.74
N ASN A 902 1.64 -18.71 -5.47
CA ASN A 902 2.62 -17.65 -5.37
C ASN A 902 3.16 -17.12 -6.68
N THR A 903 3.06 -17.90 -7.76
CA THR A 903 3.66 -17.54 -9.03
C THR A 903 2.66 -17.93 -10.10
N ILE A 904 2.92 -17.46 -11.33
CA ILE A 904 2.28 -17.98 -12.54
C ILE A 904 3.31 -17.83 -13.66
N ILE A 905 3.10 -18.57 -14.74
CA ILE A 905 3.95 -18.47 -15.92
C ILE A 905 3.10 -18.51 -17.19
N ILE A 906 3.70 -18.03 -18.28
CA ILE A 906 3.05 -17.90 -19.57
C ILE A 906 3.91 -18.65 -20.55
N GLU A 907 3.28 -19.28 -21.52
CA GLU A 907 3.89 -20.29 -22.37
C GLU A 907 3.73 -19.96 -23.83
N ARG A 908 2.59 -19.39 -24.20
CA ARG A 908 2.45 -18.72 -25.48
C ARG A 908 1.88 -17.34 -25.26
N ALA A 909 2.77 -16.41 -24.92
CA ALA A 909 2.57 -15.01 -25.25
C ALA A 909 3.04 -14.71 -26.66
N ASP A 910 3.24 -15.74 -27.49
CA ASP A 910 3.38 -15.58 -28.93
C ASP A 910 2.07 -15.92 -29.63
N HIS A 911 1.24 -16.73 -28.97
CA HIS A 911 -0.15 -16.98 -29.38
C HIS A 911 -1.03 -16.60 -28.20
N PHE A 912 -1.63 -15.43 -28.29
CA PHE A 912 -2.16 -14.69 -27.16
C PHE A 912 -3.22 -13.72 -27.66
N GLY A 913 -3.63 -12.80 -26.79
CA GLY A 913 -4.55 -11.78 -27.26
C GLY A 913 -4.92 -10.70 -26.28
N LEU A 914 -6.00 -10.03 -26.64
CA LEU A 914 -6.39 -8.77 -26.01
C LEU A 914 -6.99 -9.01 -24.63
N ALA A 915 -8.15 -9.69 -24.63
CA ALA A 915 -8.78 -10.06 -23.38
C ALA A 915 -7.90 -11.02 -22.58
N GLN A 916 -6.97 -11.71 -23.27
CA GLN A 916 -6.03 -12.56 -22.55
C GLN A 916 -5.25 -11.78 -21.50
N LEU A 917 -4.46 -10.80 -21.94
CA LEU A 917 -3.81 -9.87 -21.01
C LEU A 917 -4.78 -9.30 -20.01
N HIS A 918 -5.86 -8.72 -20.50
CA HIS A 918 -6.61 -7.87 -19.61
C HIS A 918 -7.45 -8.69 -18.62
N GLN A 919 -7.48 -10.03 -18.80
CA GLN A 919 -8.10 -10.93 -17.85
C GLN A 919 -7.08 -11.60 -16.94
N LEU A 920 -5.92 -12.00 -17.46
CA LEU A 920 -4.87 -12.57 -16.61
C LEU A 920 -4.42 -11.54 -15.59
N ARG A 921 -4.56 -10.26 -15.92
CA ARG A 921 -4.20 -9.23 -14.97
C ARG A 921 -5.06 -9.25 -13.72
N GLY A 922 -6.22 -9.89 -13.74
CA GLY A 922 -7.11 -9.87 -12.60
C GLY A 922 -6.98 -11.06 -11.68
N ARG A 923 -6.39 -12.15 -12.15
CA ARG A 923 -6.52 -13.46 -11.54
C ARG A 923 -5.18 -13.85 -10.93
N VAL A 924 -4.55 -12.88 -10.27
CA VAL A 924 -3.23 -13.05 -9.70
C VAL A 924 -3.22 -12.36 -8.33
N GLY A 925 -2.68 -13.04 -7.34
CA GLY A 925 -2.68 -12.50 -5.99
C GLY A 925 -2.10 -13.45 -4.98
N ARG A 926 -1.72 -12.86 -3.83
CA ARG A 926 -1.20 -13.58 -2.67
C ARG A 926 -1.09 -12.60 -1.52
N SER A 927 -1.18 -13.13 -0.30
CA SER A 927 -1.09 -12.34 0.93
C SER A 927 0.17 -12.65 1.72
N HIS A 928 0.81 -11.59 2.20
CA HIS A 928 1.83 -11.62 3.25
C HIS A 928 2.92 -12.64 3.00
N HIS A 929 3.36 -12.73 1.76
CA HIS A 929 4.59 -13.40 1.39
C HIS A 929 5.04 -12.87 0.04
N GLN A 930 6.22 -13.28 -0.39
CA GLN A 930 6.70 -12.96 -1.71
C GLN A 930 5.75 -13.50 -2.76
N ALA A 931 5.64 -12.77 -3.87
CA ALA A 931 4.85 -13.18 -5.01
C ALA A 931 5.65 -12.92 -6.27
N TYR A 932 5.32 -13.70 -7.29
CA TYR A 932 6.21 -13.90 -8.42
C TYR A 932 5.40 -14.00 -9.69
N ALA A 933 6.12 -14.03 -10.80
CA ALA A 933 5.58 -14.40 -12.10
C ALA A 933 6.73 -14.38 -13.09
N TRP A 934 6.54 -15.11 -14.18
CA TRP A 934 7.44 -15.04 -15.31
C TRP A 934 6.60 -15.24 -16.55
N LEU A 935 7.25 -15.16 -17.70
CA LEU A 935 6.64 -15.47 -18.97
C LEU A 935 7.61 -16.25 -19.81
N LEU A 936 7.09 -16.90 -20.85
CA LEU A 936 7.90 -17.52 -21.87
C LEU A 936 7.84 -16.71 -23.14
N THR A 937 8.89 -16.80 -23.93
CA THR A 937 8.87 -16.25 -25.27
C THR A 937 9.54 -17.23 -26.23
N PRO A 938 9.10 -17.26 -27.48
CA PRO A 938 10.02 -17.52 -28.57
C PRO A 938 10.76 -16.22 -28.85
N HIS A 939 11.56 -16.21 -29.90
CA HIS A 939 12.39 -15.05 -30.12
C HIS A 939 11.57 -13.92 -30.75
N PRO A 940 11.75 -12.67 -30.31
CA PRO A 940 10.99 -11.57 -30.92
C PRO A 940 11.23 -11.39 -32.40
N LYS A 941 12.34 -11.92 -32.92
CA LYS A 941 12.50 -12.06 -34.36
C LYS A 941 11.27 -12.70 -34.97
N ALA A 942 10.82 -13.79 -34.36
CA ALA A 942 9.62 -14.47 -34.80
C ALA A 942 8.38 -13.72 -34.42
N MET A 943 8.33 -13.21 -33.19
CA MET A 943 7.12 -12.60 -32.69
C MET A 943 6.91 -11.26 -33.38
N THR A 944 5.66 -10.84 -33.47
CA THR A 944 5.25 -9.77 -34.34
C THR A 944 5.06 -8.49 -33.54
N THR A 945 4.53 -7.47 -34.21
CA THR A 945 4.16 -6.23 -33.55
C THR A 945 3.32 -6.49 -32.32
N ASP A 946 2.29 -7.32 -32.46
CA ASP A 946 1.34 -7.57 -31.37
C ASP A 946 2.06 -7.97 -30.10
N ALA A 947 2.99 -8.92 -30.23
CA ALA A 947 3.82 -9.29 -29.11
C ALA A 947 4.52 -8.09 -28.53
N GLN A 948 4.97 -7.17 -29.38
CA GLN A 948 5.68 -6.02 -28.87
C GLN A 948 4.77 -5.00 -28.24
N LYS A 949 3.52 -4.95 -28.67
CA LYS A 949 2.54 -4.16 -27.96
C LYS A 949 2.37 -4.70 -26.56
N ARG A 950 2.26 -6.02 -26.46
CA ARG A 950 2.10 -6.63 -25.16
C ARG A 950 3.39 -6.52 -24.35
N LEU A 951 4.52 -6.36 -25.03
CA LEU A 951 5.79 -6.21 -24.33
C LEU A 951 5.95 -4.81 -23.80
N GLU A 952 5.54 -3.84 -24.58
CA GLU A 952 5.43 -2.49 -24.09
C GLU A 952 4.51 -2.47 -22.87
N ALA A 953 3.46 -3.28 -22.92
CA ALA A 953 2.61 -3.46 -21.76
C ALA A 953 3.43 -3.98 -20.58
N ILE A 954 4.15 -5.08 -20.81
CA ILE A 954 4.95 -5.75 -19.79
C ILE A 954 5.89 -4.78 -19.12
N ALA A 955 6.63 -4.03 -19.91
CA ALA A 955 7.44 -2.96 -19.38
C ALA A 955 6.61 -2.00 -18.56
N SER A 956 5.37 -1.77 -18.97
CA SER A 956 4.47 -0.91 -18.24
C SER A 956 3.79 -1.62 -17.08
N LEU A 957 4.21 -2.83 -16.71
CA LEU A 957 3.74 -3.50 -15.51
C LEU A 957 4.78 -3.33 -14.41
N GLU A 958 4.44 -2.56 -13.41
CA GLU A 958 5.31 -2.32 -12.27
C GLU A 958 4.63 -2.51 -10.92
N ASP A 959 3.38 -2.07 -10.79
CA ASP A 959 2.64 -2.12 -9.53
C ASP A 959 1.23 -1.63 -9.82
N LEU A 960 0.41 -1.60 -8.78
CA LEU A 960 -0.88 -0.92 -8.82
C LEU A 960 -0.78 0.52 -8.35
N GLY A 961 0.37 1.16 -8.54
CA GLY A 961 0.57 2.52 -8.13
C GLY A 961 -0.35 3.48 -8.87
N ALA A 962 -0.07 4.77 -8.67
CA ALA A 962 -0.94 5.81 -9.20
C ALA A 962 -0.81 5.90 -10.71
N GLY A 963 -1.63 5.11 -11.43
CA GLY A 963 -1.61 5.09 -12.88
C GLY A 963 -1.65 3.71 -13.50
N PHE A 964 -1.92 2.67 -12.70
CA PHE A 964 -2.26 1.36 -13.27
C PHE A 964 -3.38 1.50 -14.29
N ALA A 965 -4.39 2.32 -13.97
CA ALA A 965 -5.41 2.64 -14.94
C ALA A 965 -4.81 3.44 -16.09
N LEU A 966 -3.99 4.46 -15.77
CA LEU A 966 -3.28 5.19 -16.81
C LEU A 966 -2.41 4.26 -17.65
N ALA A 967 -1.91 3.18 -17.05
CA ALA A 967 -1.20 2.16 -17.81
C ALA A 967 -2.13 1.51 -18.82
N THR A 968 -3.31 1.10 -18.36
CA THR A 968 -4.27 0.49 -19.26
C THR A 968 -4.67 1.46 -20.35
N HIS A 969 -4.71 2.74 -20.01
CA HIS A 969 -5.16 3.76 -20.95
C HIS A 969 -4.13 3.96 -22.04
N ASP A 970 -2.86 4.08 -21.68
CA ASP A 970 -1.85 4.24 -22.72
C ASP A 970 -1.74 2.99 -23.55
N LEU A 971 -2.04 1.83 -22.96
CA LEU A 971 -2.12 0.63 -23.77
C LEU A 971 -3.26 0.73 -24.77
N GLU A 972 -4.39 1.26 -24.33
CA GLU A 972 -5.53 1.38 -25.22
C GLU A 972 -5.34 2.48 -26.24
N ILE A 973 -4.39 3.38 -26.01
CA ILE A 973 -3.89 4.21 -27.09
C ILE A 973 -3.03 3.37 -28.00
N ARG A 974 -2.28 2.43 -27.43
CA ARG A 974 -1.63 1.43 -28.25
C ARG A 974 -2.65 0.50 -28.87
N GLY A 975 -3.79 0.30 -28.21
CA GLY A 975 -4.93 -0.36 -28.81
C GLY A 975 -5.82 0.69 -29.42
N ALA A 976 -5.24 1.49 -30.30
CA ALA A 976 -5.76 2.78 -30.74
C ALA A 976 -7.14 2.73 -31.35
N GLY A 977 -7.74 1.58 -31.66
CA GLY A 977 -9.02 1.55 -32.34
C GLY A 977 -10.24 1.73 -31.45
N GLU A 978 -10.50 2.95 -30.99
CA GLU A 978 -11.76 3.31 -30.34
C GLU A 978 -12.54 4.26 -31.23
N LEU A 979 -13.80 3.95 -31.46
CA LEU A 979 -14.79 4.91 -31.95
C LEU A 979 -15.88 5.09 -30.90
N LEU A 980 -15.51 4.90 -29.62
CA LEU A 980 -16.49 4.97 -28.55
C LEU A 980 -17.08 6.38 -28.47
N GLY A 981 -16.23 7.36 -28.21
CA GLY A 981 -16.56 8.75 -28.46
C GLY A 981 -16.30 9.04 -29.92
N GLU A 982 -17.24 8.66 -30.78
CA GLU A 982 -16.95 8.39 -32.19
C GLU A 982 -16.25 9.57 -32.88
N GLU A 983 -16.94 10.69 -33.03
CA GLU A 983 -16.23 11.90 -33.44
C GLU A 983 -15.25 12.32 -32.38
N GLN A 984 -15.61 12.12 -31.11
CA GLN A 984 -14.78 12.59 -30.03
C GLN A 984 -13.44 11.87 -30.01
N SER A 985 -13.38 10.65 -30.53
CA SER A 985 -12.18 9.83 -30.35
C SER A 985 -11.01 10.45 -31.08
N GLY A 986 -11.18 10.74 -32.38
CA GLY A 986 -10.11 11.32 -33.15
C GLY A 986 -9.70 12.67 -32.61
N SER A 987 -10.67 13.49 -32.23
CA SER A 987 -10.35 14.79 -31.66
C SER A 987 -9.49 14.64 -30.42
N MET A 988 -10.04 14.02 -29.36
CA MET A 988 -9.32 13.94 -28.09
C MET A 988 -7.99 13.23 -28.23
N GLU A 989 -7.85 12.39 -29.24
CA GLU A 989 -6.53 11.87 -29.55
C GLU A 989 -5.64 12.97 -30.09
N THR A 990 -6.13 13.72 -31.07
CA THR A 990 -5.32 14.71 -31.76
C THR A 990 -4.98 15.89 -30.87
N ILE A 991 -5.91 16.23 -29.98
CA ILE A 991 -5.84 17.44 -29.18
C ILE A 991 -5.60 17.13 -27.72
N GLY A 992 -6.03 15.97 -27.24
CA GLY A 992 -5.75 15.53 -25.90
C GLY A 992 -6.97 15.26 -25.07
N PHE A 993 -6.88 14.21 -24.27
CA PHE A 993 -7.96 13.83 -23.37
C PHE A 993 -7.96 14.72 -22.13
N SER A 994 -6.91 15.50 -21.94
CA SER A 994 -7.00 16.69 -21.11
C SER A 994 -8.28 17.43 -21.40
N LEU A 995 -8.44 17.80 -22.67
CA LEU A 995 -9.61 18.56 -23.04
C LEU A 995 -10.85 17.73 -22.92
N TYR A 996 -10.72 16.40 -23.02
CA TYR A 996 -11.88 15.55 -22.78
C TYR A 996 -12.38 15.78 -21.37
N MET A 997 -11.47 15.78 -20.40
CA MET A 997 -11.91 16.03 -19.04
C MET A 997 -12.42 17.46 -18.90
N GLU A 998 -11.82 18.39 -19.63
CA GLU A 998 -12.26 19.77 -19.57
C GLU A 998 -13.70 19.91 -20.04
N LEU A 999 -13.95 19.44 -21.26
CA LEU A 999 -15.29 19.50 -21.82
C LEU A 999 -16.26 18.67 -21.01
N LEU A 1000 -15.80 17.58 -20.41
CA LEU A 1000 -16.62 16.84 -19.46
C LEU A 1000 -17.13 17.75 -18.36
N GLU A 1001 -16.22 18.39 -17.66
CA GLU A 1001 -16.62 19.19 -16.50
C GLU A 1001 -17.50 20.35 -16.94
N ASN A 1002 -17.10 21.05 -18.00
CA ASN A 1002 -17.86 22.20 -18.45
C ASN A 1002 -19.24 21.77 -18.89
N ALA A 1003 -19.30 20.69 -19.67
CA ALA A 1003 -20.56 20.16 -20.13
C ALA A 1003 -21.45 19.80 -18.97
N VAL A 1004 -20.88 19.22 -17.92
CA VAL A 1004 -21.70 18.74 -16.81
C VAL A 1004 -22.21 19.92 -16.00
N ASP A 1005 -21.30 20.79 -15.58
CA ASP A 1005 -21.70 21.90 -14.73
C ASP A 1005 -22.65 22.82 -15.46
N ALA A 1006 -22.46 22.99 -16.77
CA ALA A 1006 -23.31 23.88 -17.52
C ALA A 1006 -24.55 23.17 -18.05
N LEU A 1007 -24.56 21.84 -17.98
CA LEU A 1007 -25.80 21.11 -18.12
C LEU A 1007 -26.71 21.42 -16.96
N LYS A 1008 -26.17 21.30 -15.74
CA LYS A 1008 -26.97 21.63 -14.57
C LYS A 1008 -27.21 23.14 -14.48
N ALA A 1009 -26.37 23.94 -15.14
CA ALA A 1009 -26.57 25.38 -15.22
C ALA A 1009 -27.21 25.83 -16.51
N GLY A 1010 -27.24 24.98 -17.53
CA GLY A 1010 -27.88 25.34 -18.79
C GLY A 1010 -27.23 26.48 -19.55
N ARG A 1011 -25.91 26.63 -19.44
CA ARG A 1011 -25.19 27.62 -20.25
C ARG A 1011 -24.01 26.88 -20.88
N GLU A 1012 -24.32 26.08 -21.87
CA GLU A 1012 -23.48 24.92 -22.16
C GLU A 1012 -22.31 25.13 -23.14
N PRO A 1013 -22.52 25.73 -24.33
CA PRO A 1013 -21.55 25.54 -25.43
C PRO A 1013 -20.09 25.90 -25.15
N SER A 1014 -19.77 27.13 -24.77
CA SER A 1014 -18.36 27.48 -24.62
C SER A 1014 -18.07 28.74 -23.83
N LEU A 1015 -17.42 28.58 -22.67
CA LEU A 1015 -16.67 29.66 -22.02
C LEU A 1015 -15.22 29.26 -21.82
N GLU A 1016 -14.96 28.13 -21.17
CA GLU A 1016 -13.68 27.42 -21.13
C GLU A 1016 -12.58 28.10 -20.35
N ASP A 1017 -12.73 29.38 -20.03
CA ASP A 1017 -11.60 30.21 -19.61
C ASP A 1017 -10.38 30.00 -20.51
N LEU A 1018 -10.62 29.79 -21.80
CA LEU A 1018 -9.53 29.42 -22.69
C LEU A 1018 -8.75 30.65 -23.13
N THR A 1019 -9.44 31.76 -23.38
CA THR A 1019 -8.75 33.02 -23.62
C THR A 1019 -8.04 33.50 -22.37
N SER A 1020 -8.56 33.14 -21.19
CA SER A 1020 -7.95 33.49 -19.93
C SER A 1020 -8.52 32.63 -18.81
N GLN A 1021 -7.64 31.93 -18.10
CA GLN A 1021 -8.01 31.11 -16.96
C GLN A 1021 -7.07 31.23 -15.78
N GLN A 1022 -6.00 32.02 -15.90
CA GLN A 1022 -4.92 32.05 -14.93
C GLN A 1022 -4.70 33.47 -14.45
N THR A 1023 -4.54 33.61 -13.14
CA THR A 1023 -4.03 34.85 -12.59
C THR A 1023 -2.51 34.89 -12.75
N GLU A 1024 -1.96 36.09 -12.64
CA GLU A 1024 -0.57 36.35 -13.01
C GLU A 1024 0.16 37.10 -11.90
N VAL A 1025 1.49 37.01 -11.92
CA VAL A 1025 2.30 37.48 -10.81
C VAL A 1025 3.76 37.57 -11.24
N GLU A 1026 4.46 38.55 -10.68
CA GLU A 1026 5.92 38.58 -10.71
C GLU A 1026 6.41 39.48 -9.58
N LEU A 1027 7.63 39.19 -9.10
CA LEU A 1027 8.24 39.93 -8.01
C LEU A 1027 9.70 40.29 -8.27
N ARG A 1028 10.24 39.98 -9.44
CA ARG A 1028 11.67 40.14 -9.71
C ARG A 1028 12.48 39.38 -8.67
N MET A 1029 12.34 38.07 -8.71
CA MET A 1029 12.98 37.17 -7.76
C MET A 1029 13.90 36.25 -8.53
N PRO A 1030 15.23 36.34 -8.39
CA PRO A 1030 16.04 35.26 -8.94
C PRO A 1030 15.80 34.05 -8.06
N SER A 1031 14.92 33.18 -8.52
CA SER A 1031 14.30 32.22 -7.63
C SER A 1031 13.59 31.14 -8.43
N LEU A 1032 13.95 29.89 -8.22
CA LEU A 1032 13.37 28.79 -8.96
C LEU A 1032 13.87 27.49 -8.31
N LEU A 1033 13.55 26.38 -8.94
CA LEU A 1033 13.97 25.08 -8.44
C LEU A 1033 15.49 24.90 -8.61
N PRO A 1034 16.24 24.65 -7.55
CA PRO A 1034 17.67 24.37 -7.74
C PRO A 1034 17.94 22.94 -8.18
N ASP A 1035 18.96 22.80 -9.02
CA ASP A 1035 19.45 21.49 -9.44
C ASP A 1035 20.34 20.85 -8.39
N ASP A 1036 20.50 21.49 -7.23
CA ASP A 1036 21.28 20.95 -6.13
C ASP A 1036 20.99 19.48 -5.86
N PHE A 1037 19.71 19.11 -5.83
CA PHE A 1037 19.35 17.81 -5.28
C PHE A 1037 19.28 16.71 -6.34
N ILE A 1038 18.88 17.04 -7.55
CA ILE A 1038 18.57 16.02 -8.56
C ILE A 1038 19.03 16.51 -9.92
N PRO A 1039 19.59 15.63 -10.80
CA PRO A 1039 19.79 16.04 -12.20
C PRO A 1039 18.57 15.83 -13.07
N ASP A 1040 17.80 14.80 -12.75
CA ASP A 1040 16.67 14.41 -13.57
C ASP A 1040 15.64 15.52 -13.63
N VAL A 1041 15.17 15.80 -14.85
CA VAL A 1041 14.21 16.85 -15.06
C VAL A 1041 12.79 16.32 -14.97
N ASN A 1042 12.59 15.02 -15.19
CA ASN A 1042 11.24 14.48 -15.03
C ASN A 1042 10.85 14.43 -13.56
N THR A 1043 11.82 14.31 -12.66
CA THR A 1043 11.56 14.57 -11.25
C THR A 1043 11.00 15.96 -11.07
N ARG A 1044 11.64 16.93 -11.72
CA ARG A 1044 11.22 18.31 -11.61
C ARG A 1044 9.84 18.50 -12.20
N LEU A 1045 9.57 17.85 -13.32
CA LEU A 1045 8.24 17.78 -13.89
C LEU A 1045 7.24 17.24 -12.88
N SER A 1046 7.63 16.24 -12.10
CA SER A 1046 6.73 15.70 -11.08
C SER A 1046 6.42 16.74 -10.03
N PHE A 1047 7.45 17.45 -9.61
CA PHE A 1047 7.27 18.48 -8.60
C PHE A 1047 6.41 19.60 -9.15
N TYR A 1048 6.60 19.93 -10.42
CA TYR A 1048 5.74 20.93 -11.05
C TYR A 1048 4.33 20.39 -11.24
N LYS A 1049 4.17 19.09 -11.43
CA LYS A 1049 2.86 18.47 -11.51
C LYS A 1049 2.10 18.73 -10.21
N ARG A 1050 2.66 18.25 -9.11
CA ARG A 1050 2.04 18.46 -7.80
C ARG A 1050 1.89 19.95 -7.47
N ILE A 1051 2.73 20.80 -8.04
CA ILE A 1051 2.69 22.22 -7.68
C ILE A 1051 1.60 22.93 -8.46
N ALA A 1052 1.75 22.99 -9.79
CA ALA A 1052 0.79 23.70 -10.62
C ALA A 1052 -0.59 23.10 -10.50
N SER A 1053 -0.66 21.80 -10.17
CA SER A 1053 -1.94 21.20 -9.85
C SER A 1053 -2.45 21.67 -8.50
N ALA A 1054 -1.55 21.90 -7.54
CA ALA A 1054 -1.97 22.21 -6.19
C ALA A 1054 -2.63 23.59 -6.13
N LYS A 1055 -3.59 23.71 -5.22
CA LYS A 1055 -4.29 24.95 -4.99
C LYS A 1055 -4.57 25.23 -3.51
N THR A 1056 -4.20 24.33 -2.60
CA THR A 1056 -4.66 24.39 -1.21
C THR A 1056 -3.50 24.37 -0.24
N GLU A 1057 -3.79 24.84 0.97
CA GLU A 1057 -2.79 24.91 2.02
C GLU A 1057 -2.28 23.53 2.39
N ASN A 1058 -3.18 22.55 2.47
CA ASN A 1058 -2.74 21.21 2.79
C ASN A 1058 -1.91 20.63 1.66
N GLU A 1059 -2.33 20.86 0.42
CA GLU A 1059 -1.58 20.42 -0.74
C GLU A 1059 -0.14 20.89 -0.66
N LEU A 1060 0.03 22.21 -0.60
CA LEU A 1060 1.36 22.79 -0.62
C LEU A 1060 2.18 22.39 0.59
N GLU A 1061 1.59 22.39 1.79
CA GLU A 1061 2.40 22.05 2.95
C GLU A 1061 2.79 20.59 2.93
N GLU A 1062 1.94 19.73 2.38
CA GLU A 1062 2.26 18.31 2.33
C GLU A 1062 3.36 18.06 1.31
N ILE A 1063 3.29 18.73 0.16
CA ILE A 1063 4.36 18.60 -0.82
C ILE A 1063 5.65 19.16 -0.26
N LYS A 1064 5.54 20.23 0.53
CA LYS A 1064 6.71 20.77 1.21
C LYS A 1064 7.36 19.73 2.10
N VAL A 1065 6.55 19.05 2.91
CA VAL A 1065 7.09 18.09 3.86
C VAL A 1065 7.72 16.92 3.12
N GLU A 1066 7.06 16.49 2.04
CA GLU A 1066 7.60 15.43 1.20
C GLU A 1066 9.00 15.81 0.71
N LEU A 1067 9.08 16.91 -0.02
CA LEU A 1067 10.31 17.26 -0.69
C LEU A 1067 11.41 17.58 0.30
N ILE A 1068 11.05 18.18 1.43
CA ILE A 1068 12.08 18.59 2.37
C ILE A 1068 12.65 17.37 3.08
N ASP A 1069 11.79 16.46 3.53
CA ASP A 1069 12.30 15.32 4.29
C ASP A 1069 13.04 14.38 3.37
N ARG A 1070 12.49 14.15 2.18
CA ARG A 1070 13.19 13.33 1.20
C ARG A 1070 14.51 13.95 0.81
N PHE A 1071 14.50 15.26 0.60
CA PHE A 1071 15.61 16.00 0.01
C PHE A 1071 15.97 17.20 0.85
N GLY A 1072 16.06 16.99 2.16
CA GLY A 1072 16.70 17.94 3.04
C GLY A 1072 16.10 19.33 3.03
N LEU A 1073 16.74 20.25 3.75
CA LEU A 1073 16.26 21.62 3.80
C LEU A 1073 16.68 22.37 2.55
N LEU A 1074 15.95 22.16 1.45
CA LEU A 1074 16.25 22.85 0.21
C LEU A 1074 16.13 24.36 0.43
N PRO A 1075 17.02 25.17 -0.17
CA PRO A 1075 17.06 26.59 0.21
C PRO A 1075 15.84 27.40 -0.17
N ASP A 1076 15.96 28.69 0.06
CA ASP A 1076 14.94 29.73 -0.04
C ASP A 1076 14.12 29.78 -1.32
N PRO A 1077 14.72 29.74 -2.52
CA PRO A 1077 14.00 30.30 -3.67
C PRO A 1077 12.77 29.50 -4.05
N ALA A 1078 12.86 28.18 -4.01
CA ALA A 1078 11.65 27.40 -4.24
C ALA A 1078 10.65 27.59 -3.11
N ARG A 1079 11.12 27.96 -1.91
CA ARG A 1079 10.17 28.37 -0.87
C ARG A 1079 9.43 29.62 -1.31
N THR A 1080 10.14 30.49 -2.01
CA THR A 1080 9.49 31.68 -2.55
C THR A 1080 8.50 31.29 -3.62
N LEU A 1081 8.85 30.30 -4.43
CA LEU A 1081 7.93 29.79 -5.44
C LEU A 1081 6.66 29.25 -4.80
N LEU A 1082 6.79 28.66 -3.62
CA LEU A 1082 5.61 28.12 -2.95
C LEU A 1082 4.78 29.21 -2.31
N ASP A 1083 5.42 30.24 -1.77
CA ASP A 1083 4.65 31.38 -1.30
C ASP A 1083 3.95 32.06 -2.47
N ILE A 1084 4.57 32.05 -3.65
CA ILE A 1084 3.91 32.49 -4.86
C ILE A 1084 2.69 31.63 -5.12
N ALA A 1085 2.83 30.34 -4.90
CA ALA A 1085 1.70 29.44 -5.10
C ALA A 1085 0.58 29.77 -4.13
N ARG A 1086 0.92 30.20 -2.92
CA ARG A 1086 -0.12 30.44 -1.92
C ARG A 1086 -0.83 31.75 -2.20
N LEU A 1087 -0.07 32.78 -2.57
CA LEU A 1087 -0.75 34.00 -2.97
C LEU A 1087 -1.58 33.77 -4.22
N ARG A 1088 -1.17 32.83 -5.08
CA ARG A 1088 -2.04 32.46 -6.18
C ARG A 1088 -3.31 31.80 -5.67
N GLN A 1089 -3.17 30.93 -4.66
CA GLN A 1089 -4.33 30.30 -4.04
C GLN A 1089 -5.32 31.34 -3.55
N GLN A 1090 -4.87 32.25 -2.69
CA GLN A 1090 -5.77 33.30 -2.21
C GLN A 1090 -6.34 34.11 -3.36
N ALA A 1091 -5.46 34.73 -4.16
CA ALA A 1091 -5.88 35.72 -5.13
C ALA A 1091 -6.75 35.14 -6.22
N GLN A 1092 -6.62 33.85 -6.52
CA GLN A 1092 -7.42 33.22 -7.55
C GLN A 1092 -8.67 32.57 -6.99
N LYS A 1093 -8.69 32.29 -5.67
CA LYS A 1093 -9.99 32.13 -5.02
C LYS A 1093 -10.74 33.44 -5.02
N LEU A 1094 -10.01 34.55 -5.03
CA LEU A 1094 -10.58 35.88 -5.18
C LEU A 1094 -10.76 36.26 -6.65
N GLY A 1095 -9.84 35.83 -7.50
CA GLY A 1095 -9.91 36.13 -8.91
C GLY A 1095 -9.13 37.35 -9.35
N ILE A 1096 -7.98 37.61 -8.73
CA ILE A 1096 -7.15 38.73 -9.15
C ILE A 1096 -6.50 38.40 -10.49
N ARG A 1097 -6.18 39.45 -11.24
CA ARG A 1097 -5.78 39.26 -12.63
C ARG A 1097 -4.27 39.14 -12.76
N LYS A 1098 -3.53 40.17 -12.37
CA LYS A 1098 -2.10 40.19 -12.61
C LYS A 1098 -1.36 40.92 -11.50
N LEU A 1099 -0.12 40.49 -11.30
CA LEU A 1099 0.86 41.27 -10.56
C LEU A 1099 2.17 41.24 -11.32
N GLU A 1100 2.87 42.37 -11.28
CA GLU A 1100 4.31 42.46 -11.52
C GLU A 1100 4.89 43.20 -10.34
N GLY A 1101 6.00 42.70 -9.81
CA GLY A 1101 6.60 43.27 -8.62
C GLY A 1101 8.11 43.40 -8.75
N ASN A 1102 8.67 44.27 -7.92
CA ASN A 1102 10.10 44.50 -7.80
C ASN A 1102 10.29 45.55 -6.71
N GLU A 1103 11.53 45.74 -6.28
CA GLU A 1103 11.79 46.80 -5.31
C GLU A 1103 11.85 48.17 -5.99
N LYS A 1104 11.87 48.20 -7.31
CA LYS A 1104 11.58 49.45 -7.99
C LYS A 1104 10.09 49.78 -7.89
N GLY A 1105 9.26 48.78 -7.59
CA GLY A 1105 7.84 48.97 -7.36
C GLY A 1105 7.02 47.88 -8.02
N GLY A 1106 6.12 48.26 -8.91
CA GLY A 1106 5.43 47.31 -9.75
C GLY A 1106 4.01 47.75 -9.99
N VAL A 1107 3.21 46.83 -10.56
CA VAL A 1107 1.83 47.12 -10.89
C VAL A 1107 1.01 45.85 -10.67
N ILE A 1108 -0.29 46.04 -10.53
CA ILE A 1108 -1.25 44.96 -10.34
C ILE A 1108 -2.46 45.28 -11.20
N GLU A 1109 -2.83 44.36 -12.07
CA GLU A 1109 -4.17 44.33 -12.61
C GLU A 1109 -5.02 43.66 -11.55
N PHE A 1110 -5.60 44.46 -10.67
CA PHE A 1110 -6.45 43.90 -9.65
C PHE A 1110 -7.69 43.29 -10.29
N ALA A 1111 -8.36 42.42 -9.53
CA ALA A 1111 -9.62 41.84 -9.97
C ALA A 1111 -10.60 42.93 -10.33
N GLU A 1112 -10.95 43.00 -11.62
CA GLU A 1112 -12.11 43.77 -12.01
C GLU A 1112 -13.41 43.17 -11.47
N LYS A 1113 -13.39 41.90 -11.04
CA LYS A 1113 -14.57 41.22 -10.52
C LYS A 1113 -14.13 40.44 -9.27
N ASN A 1114 -14.38 41.03 -8.11
CA ASN A 1114 -14.14 40.39 -6.83
C ASN A 1114 -15.20 40.91 -5.87
N HIS A 1115 -14.96 40.77 -4.57
CA HIS A 1115 -15.93 41.11 -3.53
C HIS A 1115 -15.75 42.52 -3.02
N VAL A 1116 -15.31 43.42 -3.91
CA VAL A 1116 -14.86 44.76 -3.53
C VAL A 1116 -15.93 45.54 -2.77
N ASN A 1117 -15.46 46.52 -2.02
CA ASN A 1117 -16.17 47.45 -1.16
C ASN A 1117 -15.16 48.59 -0.92
N PRO A 1118 -15.09 49.61 -1.81
CA PRO A 1118 -13.93 50.49 -1.84
C PRO A 1118 -13.56 51.32 -0.60
N ALA A 1119 -14.21 51.12 0.54
CA ALA A 1119 -13.86 51.85 1.76
C ALA A 1119 -12.36 51.83 2.00
N TRP A 1120 -11.74 50.66 1.84
CA TRP A 1120 -10.30 50.58 2.00
C TRP A 1120 -9.57 51.34 0.91
N LEU A 1121 -10.15 51.45 -0.28
CA LEU A 1121 -9.48 52.16 -1.36
C LEU A 1121 -9.36 53.64 -1.07
N ILE A 1122 -10.44 54.24 -0.55
CA ILE A 1122 -10.35 55.65 -0.21
C ILE A 1122 -9.56 55.82 1.08
N GLY A 1123 -9.57 54.81 1.95
CA GLY A 1123 -8.73 54.88 3.14
C GLY A 1123 -7.26 54.95 2.80
N LEU A 1124 -6.80 54.07 1.89
CA LEU A 1124 -5.42 54.12 1.46
C LEU A 1124 -5.13 55.30 0.56
N LEU A 1125 -6.15 55.86 -0.11
CA LEU A 1125 -5.97 57.15 -0.74
C LEU A 1125 -5.59 58.20 0.28
N GLN A 1126 -6.38 58.31 1.35
CA GLN A 1126 -6.08 59.24 2.42
C GLN A 1126 -4.81 58.90 3.18
N LYS A 1127 -4.33 57.67 3.06
CA LYS A 1127 -3.18 57.20 3.83
C LYS A 1127 -1.92 57.05 2.98
N GLN A 1128 -2.03 56.58 1.74
CA GLN A 1128 -0.86 56.27 0.92
C GLN A 1128 -1.22 56.41 -0.55
N PRO A 1129 -0.77 57.49 -1.22
CA PRO A 1129 -0.86 57.53 -2.67
C PRO A 1129 0.32 56.90 -3.37
N GLN A 1130 1.47 56.79 -2.69
CA GLN A 1130 2.68 56.35 -3.37
C GLN A 1130 2.69 54.84 -3.53
N HIS A 1131 2.65 54.12 -2.42
CA HIS A 1131 2.60 52.68 -2.44
C HIS A 1131 1.25 52.17 -2.91
N TYR A 1132 0.25 53.04 -2.98
CA TYR A 1132 -1.02 52.76 -3.65
C TYR A 1132 -1.31 53.95 -4.57
N ARG A 1133 -0.84 53.88 -5.81
CA ARG A 1133 -1.25 54.81 -6.86
C ARG A 1133 -2.10 54.02 -7.85
N LEU A 1134 -3.41 54.19 -7.78
CA LEU A 1134 -4.30 53.41 -8.63
C LEU A 1134 -4.20 53.96 -10.04
N ASP A 1135 -3.86 53.10 -10.97
CA ASP A 1135 -3.80 53.47 -12.38
C ASP A 1135 -5.24 53.69 -12.84
N GLY A 1136 -5.65 54.94 -12.91
CA GLY A 1136 -7.01 55.29 -13.23
C GLY A 1136 -7.97 54.78 -12.19
N PRO A 1137 -9.10 54.24 -12.64
CA PRO A 1137 -9.84 53.24 -11.85
C PRO A 1137 -9.44 51.80 -12.17
N THR A 1138 -8.32 51.59 -12.85
CA THR A 1138 -8.15 50.42 -13.69
C THR A 1138 -7.18 49.39 -13.11
N ARG A 1139 -5.99 49.82 -12.72
CA ARG A 1139 -4.95 48.94 -12.22
C ARG A 1139 -4.31 49.64 -11.03
N LEU A 1140 -3.15 49.20 -10.60
CA LEU A 1140 -2.61 49.71 -9.35
C LEU A 1140 -1.09 49.61 -9.36
N LYS A 1141 -0.42 50.74 -9.54
CA LYS A 1141 1.03 50.80 -9.43
C LYS A 1141 1.43 51.13 -7.99
N PHE A 1142 2.57 50.55 -7.57
CA PHE A 1142 3.01 50.57 -6.19
C PHE A 1142 4.52 50.68 -6.14
N ILE A 1143 5.04 51.06 -4.96
CA ILE A 1143 6.46 51.36 -4.79
C ILE A 1143 6.90 50.99 -3.38
N GLN A 1144 7.99 50.25 -3.30
CA GLN A 1144 8.52 49.76 -2.03
C GLN A 1144 10.04 49.79 -2.09
N ASP A 1145 10.66 50.26 -1.02
CA ASP A 1145 12.10 50.04 -0.83
C ASP A 1145 12.34 48.83 0.07
N LEU A 1146 11.72 47.70 -0.31
CA LEU A 1146 11.83 46.47 0.45
C LEU A 1146 13.11 45.76 0.03
N SER A 1147 14.15 45.97 0.84
CA SER A 1147 15.51 45.65 0.42
C SER A 1147 15.68 44.17 0.13
N GLU A 1148 15.53 43.33 1.14
CA GLU A 1148 15.71 41.90 0.99
C GLU A 1148 14.42 41.26 0.49
N ARG A 1149 14.56 40.17 -0.26
CA ARG A 1149 13.40 39.44 -0.71
C ARG A 1149 12.60 38.89 0.46
N LYS A 1150 13.27 38.60 1.57
CA LYS A 1150 12.54 38.35 2.82
C LYS A 1150 11.64 39.52 3.14
N THR A 1151 12.14 40.73 2.98
CA THR A 1151 11.31 41.91 3.21
C THR A 1151 10.15 41.96 2.25
N ARG A 1152 10.43 41.67 0.98
CA ARG A 1152 9.41 41.66 -0.06
C ARG A 1152 8.26 40.74 0.33
N ILE A 1153 8.59 39.46 0.55
CA ILE A 1153 7.57 38.48 0.85
C ILE A 1153 6.90 38.78 2.16
N GLU A 1154 7.61 39.35 3.12
CA GLU A 1154 7.00 39.66 4.40
C GLU A 1154 5.91 40.71 4.22
N TRP A 1155 6.23 41.75 3.46
CA TRP A 1155 5.22 42.72 3.08
C TRP A 1155 4.07 42.05 2.36
N VAL A 1156 4.40 41.18 1.40
CA VAL A 1156 3.38 40.54 0.56
C VAL A 1156 2.44 39.72 1.44
N ARG A 1157 3.00 38.97 2.37
CA ARG A 1157 2.24 38.10 3.25
C ARG A 1157 1.32 38.91 4.15
N GLN A 1158 1.91 39.86 4.89
CA GLN A 1158 1.12 40.64 5.81
C GLN A 1158 0.03 41.41 5.09
N PHE A 1159 0.30 41.84 3.86
CA PHE A 1159 -0.69 42.65 3.16
C PHE A 1159 -1.74 41.82 2.50
N MET A 1160 -1.42 40.62 2.02
CA MET A 1160 -2.47 39.70 1.61
C MET A 1160 -3.39 39.40 2.78
N ARG A 1161 -2.83 39.33 3.99
CA ARG A 1161 -3.67 39.12 5.17
C ARG A 1161 -4.53 40.34 5.46
N GLU A 1162 -3.93 41.53 5.39
CA GLU A 1162 -4.67 42.77 5.51
C GLU A 1162 -5.83 42.80 4.54
N LEU A 1163 -5.54 42.43 3.30
CA LEU A 1163 -6.53 42.51 2.25
C LEU A 1163 -7.62 41.47 2.46
N GLU A 1164 -7.22 40.27 2.89
CA GLU A 1164 -8.19 39.27 3.30
C GLU A 1164 -9.16 39.83 4.32
N GLU A 1165 -8.64 40.52 5.33
CA GLU A 1165 -9.55 41.13 6.31
C GLU A 1165 -10.42 42.18 5.67
N ASN A 1166 -9.88 42.94 4.71
CA ASN A 1166 -10.61 44.03 4.08
C ASN A 1166 -10.87 43.79 2.60
N ALA A 1167 -9.82 43.66 1.80
CA ALA A 1167 -9.95 43.75 0.34
C ALA A 1167 -10.10 42.35 -0.26
N ILE A 1168 -11.24 42.11 -0.88
CA ILE A 1168 -11.76 40.77 -1.02
C ILE A 1168 -12.29 40.50 -2.43
#